data_7ZLW
#
_entry.id   7ZLW
#
_cell.length_a   51.656
_cell.length_b   70.193
_cell.length_c   113.167
_cell.angle_alpha   90.000
_cell.angle_beta   90.960
_cell.angle_gamma   90.000
#
_symmetry.space_group_name_H-M   'P 1 21 1'
#
loop_
_entity.id
_entity.type
_entity.pdbx_description
1 polymer 'Nucleoside diphosphate kinase A'
2 non-polymer "ADENOSINE-5'-DIPHOSPHATE"
3 water water
#
_entity_poly.entity_id   1
_entity_poly.type   'polypeptide(L)'
_entity_poly.pdbx_seq_one_letter_code
;GAMAMANSERTFIAIKPDGVQRGLVGEIIKRFEQKGFRLVGLKFLQASEDLLKEHYTDLKDRPFFTGLVKYMHSGPVVAM
VWEGLNVVKTGRVMLGETNPADSKPGTIRGDFCIQVGRNIIHGSDSVKSAEKEISLWFQPEELVEYKSCAQNWIYE
;
_entity_poly.pdbx_strand_id   A,B,C,D,E,F
#
loop_
_chem_comp.id
_chem_comp.type
_chem_comp.name
_chem_comp.formula
ADP non-polymer ADENOSINE-5'-DIPHOSPHATE 'C10 H15 N5 O10 P2'
#
# COMPACT_ATOMS: atom_id res chain seq x y z
N MET A 5 -9.23 -28.89 -13.72
CA MET A 5 -9.30 -29.83 -12.61
C MET A 5 -8.26 -29.49 -11.54
N ALA A 6 -7.00 -29.37 -11.97
CA ALA A 6 -5.96 -28.94 -11.05
C ALA A 6 -6.21 -27.51 -10.57
N ASN A 7 -6.77 -26.66 -11.43
CA ASN A 7 -7.09 -25.29 -11.08
C ASN A 7 -8.25 -25.16 -10.11
N SER A 8 -8.88 -26.27 -9.72
CA SER A 8 -9.99 -26.23 -8.78
C SER A 8 -9.59 -26.74 -7.40
N GLU A 9 -8.30 -26.98 -7.17
CA GLU A 9 -7.83 -27.39 -5.86
C GLU A 9 -8.18 -26.34 -4.81
N ARG A 10 -8.48 -26.78 -3.60
CA ARG A 10 -8.94 -25.89 -2.54
C ARG A 10 -8.11 -26.06 -1.28
N THR A 11 -7.99 -24.98 -0.52
CA THR A 11 -7.28 -25.02 0.75
C THR A 11 -8.08 -24.27 1.81
N PHE A 12 -7.84 -24.62 3.07
CA PHE A 12 -8.45 -23.97 4.21
C PHE A 12 -7.47 -22.99 4.84
N ILE A 13 -7.92 -21.75 5.02
CA ILE A 13 -7.12 -20.71 5.63
C ILE A 13 -7.94 -20.11 6.76
N ALA A 14 -7.35 -20.05 7.95
CA ALA A 14 -8.02 -19.45 9.10
C ALA A 14 -7.16 -18.30 9.60
N ILE A 15 -7.80 -17.17 9.88
CA ILE A 15 -7.14 -16.08 10.58
C ILE A 15 -7.36 -16.31 12.08
N LYS A 16 -6.27 -16.44 12.82
CA LYS A 16 -6.35 -16.80 14.22
C LYS A 16 -6.78 -15.58 15.04
N PRO A 17 -7.19 -15.78 16.31
CA PRO A 17 -7.76 -14.66 17.08
C PRO A 17 -6.84 -13.47 17.18
N ASP A 18 -5.53 -13.68 17.33
CA ASP A 18 -4.61 -12.55 17.37
C ASP A 18 -4.60 -11.79 16.05
N GLY A 19 -4.73 -12.49 14.92
CA GLY A 19 -4.84 -11.81 13.65
C GLY A 19 -6.08 -10.94 13.55
N VAL A 20 -7.21 -11.44 14.05
CA VAL A 20 -8.44 -10.65 14.09
C VAL A 20 -8.28 -9.44 15.00
N GLN A 21 -7.70 -9.65 16.19
CA GLN A 21 -7.62 -8.60 17.19
C GLN A 21 -6.66 -7.49 16.78
N ARG A 22 -5.64 -7.82 15.97
CA ARG A 22 -4.67 -6.84 15.53
C ARG A 22 -5.04 -6.19 14.20
N GLY A 23 -6.23 -6.46 13.68
CA GLY A 23 -6.72 -5.74 12.53
C GLY A 23 -6.05 -6.12 11.24
N LEU A 24 -5.78 -7.42 11.05
CA LEU A 24 -5.05 -7.93 9.90
C LEU A 24 -5.93 -8.70 8.93
N VAL A 25 -7.25 -8.71 9.15
CA VAL A 25 -8.11 -9.53 8.31
C VAL A 25 -8.03 -9.08 6.86
N GLY A 26 -8.23 -7.78 6.61
CA GLY A 26 -8.21 -7.28 5.24
C GLY A 26 -6.87 -7.46 4.56
N GLU A 27 -5.78 -7.22 5.29
CA GLU A 27 -4.43 -7.43 4.76
C GLU A 27 -4.25 -8.87 4.28
N ILE A 28 -4.64 -9.82 5.12
CA ILE A 28 -4.46 -11.23 4.78
C ILE A 28 -5.30 -11.60 3.56
N ILE A 29 -6.57 -11.19 3.56
CA ILE A 29 -7.45 -11.52 2.44
C ILE A 29 -6.91 -10.92 1.16
N LYS A 30 -6.44 -9.67 1.21
CA LYS A 30 -5.93 -9.00 0.02
C LYS A 30 -4.75 -9.73 -0.60
N ARG A 31 -3.91 -10.35 0.23
CA ARG A 31 -2.78 -11.10 -0.34
C ARG A 31 -3.27 -12.28 -1.17
N PHE A 32 -4.35 -12.95 -0.76
CA PHE A 32 -4.89 -14.05 -1.55
C PHE A 32 -5.64 -13.56 -2.78
N GLU A 33 -6.38 -12.45 -2.67
CA GLU A 33 -7.04 -11.89 -3.84
C GLU A 33 -6.04 -11.46 -4.90
N GLN A 34 -5.07 -10.62 -4.50
CA GLN A 34 -4.13 -10.05 -5.46
C GLN A 34 -3.26 -11.11 -6.12
N LYS A 35 -3.08 -12.26 -5.45
CA LYS A 35 -2.34 -13.37 -6.02
C LYS A 35 -3.12 -14.05 -7.15
N GLY A 36 -4.45 -14.00 -7.09
CA GLY A 36 -5.31 -14.58 -8.11
C GLY A 36 -6.20 -15.71 -7.64
N PHE A 37 -6.19 -16.07 -6.36
CA PHE A 37 -7.01 -17.19 -5.90
C PHE A 37 -8.47 -16.73 -5.73
N ARG A 38 -9.38 -17.69 -5.81
CA ARG A 38 -10.81 -17.41 -5.74
C ARG A 38 -11.34 -17.76 -4.37
N LEU A 39 -11.98 -16.79 -3.73
CA LEU A 39 -12.63 -16.99 -2.44
C LEU A 39 -13.82 -17.91 -2.62
N VAL A 40 -13.86 -19.00 -1.85
CA VAL A 40 -14.93 -19.99 -1.96
C VAL A 40 -15.80 -20.01 -0.71
N GLY A 41 -15.19 -19.88 0.45
CA GLY A 41 -15.94 -19.86 1.69
C GLY A 41 -15.34 -18.83 2.63
N LEU A 42 -16.19 -18.23 3.44
CA LEU A 42 -15.78 -17.19 4.36
C LEU A 42 -16.81 -17.11 5.47
N LYS A 43 -16.36 -17.23 6.72
CA LYS A 43 -17.25 -17.14 7.87
C LYS A 43 -16.45 -16.65 9.06
N PHE A 44 -17.17 -16.16 10.07
CA PHE A 44 -16.59 -15.53 11.26
C PHE A 44 -17.26 -16.16 12.47
N LEU A 45 -16.46 -16.75 13.35
CA LEU A 45 -17.04 -17.49 14.47
C LEU A 45 -16.00 -17.68 15.56
N GLN A 46 -16.50 -17.96 16.75
CA GLN A 46 -15.68 -18.40 17.87
C GLN A 46 -15.75 -19.92 17.91
N ALA A 47 -14.65 -20.57 17.56
CA ALA A 47 -14.63 -22.02 17.43
C ALA A 47 -14.72 -22.68 18.79
N SER A 48 -15.54 -23.72 18.87
CA SER A 48 -15.67 -24.48 20.12
C SER A 48 -14.38 -25.25 20.39
N GLU A 49 -14.20 -25.61 21.66
CA GLU A 49 -13.01 -26.37 22.02
C GLU A 49 -12.95 -27.72 21.30
N ASP A 50 -14.10 -28.37 21.13
CA ASP A 50 -14.12 -29.66 20.45
C ASP A 50 -13.75 -29.52 18.98
N LEU A 51 -14.26 -28.47 18.33
CA LEU A 51 -13.84 -28.20 16.96
C LEU A 51 -12.32 -28.00 16.89
N LEU A 52 -11.77 -27.23 17.83
CA LEU A 52 -10.34 -26.93 17.80
C LEU A 52 -9.50 -28.16 18.10
N LYS A 53 -9.96 -29.03 19.01
CA LYS A 53 -9.21 -30.24 19.31
C LYS A 53 -9.22 -31.19 18.12
N GLU A 54 -10.32 -31.25 17.37
CA GLU A 54 -10.36 -32.07 16.18
C GLU A 54 -9.46 -31.49 15.09
N HIS A 55 -9.43 -30.16 14.96
CA HIS A 55 -8.61 -29.52 13.94
C HIS A 55 -7.13 -29.78 14.16
N TYR A 56 -6.70 -29.76 15.42
CA TYR A 56 -5.31 -29.99 15.78
C TYR A 56 -5.12 -31.36 16.42
N THR A 57 -5.87 -32.35 15.92
CA THR A 57 -5.86 -33.66 16.56
C THR A 57 -4.50 -34.34 16.46
N ASP A 58 -3.72 -34.05 15.41
CA ASP A 58 -2.40 -34.65 15.29
C ASP A 58 -1.42 -34.11 16.33
N LEU A 59 -1.82 -33.11 17.11
CA LEU A 59 -0.94 -32.48 18.08
C LEU A 59 -1.43 -32.67 19.52
N LYS A 60 -2.33 -33.62 19.74
CA LYS A 60 -2.95 -33.79 21.05
C LYS A 60 -1.93 -34.13 22.12
N ASP A 61 -0.85 -34.81 21.76
CA ASP A 61 0.16 -35.21 22.74
C ASP A 61 1.30 -34.20 22.86
N ARG A 62 1.22 -33.09 22.14
N ARG A 62 1.23 -33.09 22.12
CA ARG A 62 2.27 -32.07 22.25
CA ARG A 62 2.25 -32.06 22.24
C ARG A 62 2.04 -31.23 23.50
C ARG A 62 2.04 -31.25 23.52
N PRO A 63 3.12 -30.82 24.17
CA PRO A 63 2.97 -30.04 25.42
C PRO A 63 2.27 -28.70 25.22
N PHE A 64 2.28 -28.13 24.01
CA PHE A 64 1.63 -26.84 23.80
C PHE A 64 0.18 -26.97 23.39
N PHE A 65 -0.34 -28.20 23.29
CA PHE A 65 -1.69 -28.43 22.78
C PHE A 65 -2.74 -27.69 23.60
N THR A 66 -2.66 -27.78 24.92
CA THR A 66 -3.67 -27.16 25.76
C THR A 66 -3.67 -25.64 25.60
N GLY A 67 -2.48 -25.02 25.55
CA GLY A 67 -2.42 -23.59 25.33
C GLY A 67 -2.85 -23.16 23.94
N LEU A 68 -2.57 -24.00 22.94
CA LEU A 68 -3.00 -23.71 21.58
C LEU A 68 -4.53 -23.68 21.49
N VAL A 69 -5.19 -24.70 22.05
CA VAL A 69 -6.65 -24.76 22.01
C VAL A 69 -7.26 -23.57 22.75
N LYS A 70 -6.75 -23.29 23.95
CA LYS A 70 -7.26 -22.17 24.73
C LYS A 70 -7.09 -20.85 23.98
N TYR A 71 -5.93 -20.63 23.37
CA TYR A 71 -5.72 -19.39 22.62
C TYR A 71 -6.63 -19.32 21.40
N MET A 72 -6.75 -20.43 20.66
CA MET A 72 -7.62 -20.47 19.49
C MET A 72 -9.08 -20.28 19.86
N HIS A 73 -9.45 -20.52 21.12
CA HIS A 73 -10.80 -20.38 21.62
C HIS A 73 -11.04 -19.03 22.31
N SER A 74 -9.97 -18.27 22.56
CA SER A 74 -10.05 -17.01 23.31
C SER A 74 -10.63 -15.86 22.50
N GLY A 75 -10.78 -16.04 21.18
CA GLY A 75 -11.39 -15.03 20.34
C GLY A 75 -11.98 -15.62 19.09
N PRO A 76 -12.70 -14.81 18.32
CA PRO A 76 -13.26 -15.30 17.06
C PRO A 76 -12.19 -15.41 15.98
N VAL A 77 -12.40 -16.37 15.08
CA VAL A 77 -11.49 -16.62 13.98
C VAL A 77 -12.24 -16.39 12.68
N VAL A 78 -11.49 -16.09 11.63
CA VAL A 78 -12.03 -16.00 10.28
C VAL A 78 -11.67 -17.28 9.53
N ALA A 79 -12.68 -18.03 9.11
CA ALA A 79 -12.49 -19.28 8.38
C ALA A 79 -12.68 -19.06 6.90
N MET A 80 -11.77 -19.60 6.08
CA MET A 80 -11.81 -19.34 4.65
C MET A 80 -11.42 -20.57 3.85
N VAL A 81 -11.97 -20.65 2.64
CA VAL A 81 -11.60 -21.64 1.65
C VAL A 81 -11.24 -20.90 0.38
N TRP A 82 -10.03 -21.15 -0.13
CA TRP A 82 -9.54 -20.52 -1.36
C TRP A 82 -9.27 -21.58 -2.40
N GLU A 83 -9.53 -21.24 -3.67
CA GLU A 83 -9.43 -22.19 -4.76
C GLU A 83 -8.45 -21.71 -5.81
N GLY A 84 -7.65 -22.64 -6.32
CA GLY A 84 -6.77 -22.31 -7.43
C GLY A 84 -5.69 -23.35 -7.57
N LEU A 85 -4.94 -23.22 -8.66
CA LEU A 85 -3.85 -24.13 -8.96
C LEU A 85 -2.81 -24.09 -7.85
N ASN A 86 -2.53 -25.26 -7.28
CA ASN A 86 -1.51 -25.40 -6.23
C ASN A 86 -1.76 -24.44 -5.06
N VAL A 87 -3.03 -24.16 -4.76
CA VAL A 87 -3.34 -23.20 -3.71
C VAL A 87 -2.89 -23.71 -2.34
N VAL A 88 -2.87 -25.03 -2.13
CA VAL A 88 -2.45 -25.56 -0.84
C VAL A 88 -0.98 -25.26 -0.59
N LYS A 89 -0.12 -25.66 -1.52
CA LYS A 89 1.32 -25.45 -1.35
C LYS A 89 1.69 -23.98 -1.46
N THR A 90 1.07 -23.26 -2.39
CA THR A 90 1.33 -21.82 -2.51
C THR A 90 0.82 -21.05 -1.30
N GLY A 91 -0.31 -21.49 -0.74
CA GLY A 91 -0.78 -20.88 0.50
C GLY A 91 0.25 -21.00 1.62
N ARG A 92 0.88 -22.18 1.74
CA ARG A 92 1.93 -22.33 2.74
C ARG A 92 3.07 -21.35 2.48
N VAL A 93 3.48 -21.21 1.20
CA VAL A 93 4.58 -20.32 0.87
C VAL A 93 4.24 -18.88 1.24
N MET A 94 3.01 -18.46 0.96
CA MET A 94 2.59 -17.10 1.29
C MET A 94 2.49 -16.88 2.80
N LEU A 95 2.17 -17.94 3.54
CA LEU A 95 2.08 -17.86 5.00
C LEU A 95 3.45 -17.72 5.64
N GLY A 96 4.42 -18.47 5.13
CA GLY A 96 5.73 -18.54 5.75
C GLY A 96 5.93 -19.88 6.45
N GLU A 97 6.65 -19.87 7.56
CA GLU A 97 6.94 -21.09 8.30
C GLU A 97 6.17 -21.06 9.63
N THR A 98 6.22 -22.19 10.34
CA THR A 98 5.54 -22.27 11.63
C THR A 98 6.05 -21.21 12.59
N ASN A 99 7.36 -21.09 12.71
CA ASN A 99 7.95 -20.04 13.52
C ASN A 99 8.04 -18.76 12.70
N PRO A 100 7.41 -17.66 13.13
CA PRO A 100 7.55 -16.40 12.38
C PRO A 100 8.99 -15.94 12.22
N ALA A 101 9.88 -16.31 13.15
CA ALA A 101 11.29 -15.97 12.99
C ALA A 101 11.93 -16.68 11.79
N ASP A 102 11.35 -17.80 11.34
CA ASP A 102 11.83 -18.47 10.14
C ASP A 102 11.04 -18.08 8.89
N SER A 103 10.00 -17.28 9.02
CA SER A 103 9.23 -16.82 7.87
C SER A 103 9.92 -15.61 7.26
N LYS A 104 10.09 -15.64 5.94
CA LYS A 104 10.85 -14.60 5.27
C LYS A 104 10.02 -13.32 5.15
N PRO A 105 10.67 -12.15 5.14
CA PRO A 105 9.95 -10.92 4.79
C PRO A 105 9.25 -11.07 3.45
N GLY A 106 8.02 -10.55 3.37
CA GLY A 106 7.15 -10.76 2.24
C GLY A 106 6.05 -11.77 2.50
N THR A 107 6.28 -12.73 3.40
CA THR A 107 5.25 -13.66 3.82
C THR A 107 4.39 -13.03 4.91
N ILE A 108 3.21 -13.63 5.11
CA ILE A 108 2.25 -13.10 6.07
C ILE A 108 2.80 -13.20 7.49
N ARG A 109 3.34 -14.36 7.87
CA ARG A 109 3.89 -14.50 9.22
C ARG A 109 5.16 -13.68 9.38
N GLY A 110 6.00 -13.62 8.34
CA GLY A 110 7.21 -12.83 8.41
C GLY A 110 6.96 -11.34 8.49
N ASP A 111 5.90 -10.85 7.85
CA ASP A 111 5.63 -9.42 7.91
C ASP A 111 4.93 -9.00 9.20
N PHE A 112 4.08 -9.87 9.77
CA PHE A 112 3.06 -9.39 10.70
C PHE A 112 3.07 -10.00 12.10
N CYS A 113 3.98 -10.91 12.43
CA CYS A 113 3.96 -11.48 13.78
C CYS A 113 5.36 -11.96 14.16
N ILE A 114 5.48 -12.42 15.41
CA ILE A 114 6.80 -12.61 16.03
C ILE A 114 6.94 -13.98 16.69
N GLN A 115 5.95 -14.42 17.44
CA GLN A 115 6.08 -15.61 18.28
C GLN A 115 5.28 -16.78 17.72
N VAL A 116 5.84 -17.98 17.85
CA VAL A 116 5.20 -19.18 17.29
C VAL A 116 3.84 -19.41 17.93
N GLY A 117 3.70 -19.12 19.22
CA GLY A 117 2.42 -19.26 19.90
C GLY A 117 1.37 -18.23 19.49
N ARG A 118 1.76 -17.21 18.69
CA ARG A 118 0.84 -16.17 18.22
C ARG A 118 1.22 -15.85 16.77
N ASN A 119 0.93 -16.78 15.85
CA ASN A 119 1.36 -16.67 14.45
C ASN A 119 0.19 -16.43 13.50
N ILE A 120 -0.85 -15.75 14.00
CA ILE A 120 -1.92 -15.03 13.29
C ILE A 120 -2.70 -15.78 12.22
N ILE A 121 -2.17 -16.87 11.68
CA ILE A 121 -2.81 -17.48 10.52
C ILE A 121 -2.57 -18.98 10.51
N HIS A 122 -3.55 -19.73 9.98
CA HIS A 122 -3.42 -21.14 9.73
C HIS A 122 -3.69 -21.43 8.26
N GLY A 123 -2.94 -22.37 7.69
CA GLY A 123 -3.21 -22.86 6.35
C GLY A 123 -2.96 -24.35 6.23
N SER A 124 -3.80 -25.04 5.46
CA SER A 124 -3.66 -26.48 5.26
C SER A 124 -2.26 -26.83 4.73
N ASP A 125 -1.68 -27.90 5.25
CA ASP A 125 -0.36 -28.31 4.82
C ASP A 125 -0.36 -29.28 3.64
N SER A 126 -1.52 -29.83 3.29
CA SER A 126 -1.61 -30.83 2.23
C SER A 126 -3.04 -30.86 1.70
N VAL A 127 -3.18 -31.45 0.51
CA VAL A 127 -4.51 -31.59 -0.10
C VAL A 127 -5.41 -32.46 0.79
N LYS A 128 -4.87 -33.55 1.34
CA LYS A 128 -5.66 -34.37 2.24
C LYS A 128 -6.09 -33.59 3.49
N SER A 129 -5.16 -32.82 4.08
CA SER A 129 -5.51 -32.00 5.24
C SER A 129 -6.54 -30.96 4.89
N ALA A 130 -6.45 -30.40 3.66
CA ALA A 130 -7.38 -29.35 3.27
C ALA A 130 -8.80 -29.90 3.14
N GLU A 131 -8.94 -31.09 2.53
N GLU A 131 -8.94 -31.09 2.54
CA GLU A 131 -10.26 -31.70 2.41
CA GLU A 131 -10.27 -31.69 2.43
C GLU A 131 -10.86 -31.97 3.79
C GLU A 131 -10.86 -31.98 3.80
N LYS A 132 -10.04 -32.48 4.72
CA LYS A 132 -10.51 -32.71 6.08
C LYS A 132 -10.89 -31.40 6.76
N GLU A 133 -10.03 -30.39 6.66
CA GLU A 133 -10.31 -29.13 7.36
C GLU A 133 -11.50 -28.39 6.75
N ILE A 134 -11.68 -28.46 5.43
CA ILE A 134 -12.77 -27.72 4.79
C ILE A 134 -14.12 -28.29 5.21
N SER A 135 -14.27 -29.62 5.19
CA SER A 135 -15.52 -30.22 5.63
C SER A 135 -15.67 -30.17 7.15
N LEU A 136 -14.57 -30.06 7.90
CA LEU A 136 -14.67 -29.83 9.34
C LEU A 136 -15.29 -28.48 9.66
N TRP A 137 -14.86 -27.42 8.96
CA TRP A 137 -15.27 -26.07 9.29
C TRP A 137 -16.48 -25.58 8.50
N PHE A 138 -16.71 -26.09 7.30
CA PHE A 138 -17.78 -25.61 6.46
C PHE A 138 -18.76 -26.73 6.15
N GLN A 139 -19.98 -26.35 5.91
CA GLN A 139 -20.94 -27.23 5.27
C GLN A 139 -20.95 -26.97 3.77
N PRO A 140 -21.31 -27.97 2.97
CA PRO A 140 -21.25 -27.79 1.50
C PRO A 140 -22.05 -26.62 0.98
N GLU A 141 -23.19 -26.30 1.60
CA GLU A 141 -23.99 -25.18 1.12
C GLU A 141 -23.31 -23.83 1.35
N GLU A 142 -22.29 -23.78 2.22
CA GLU A 142 -21.56 -22.55 2.47
C GLU A 142 -20.42 -22.33 1.49
N LEU A 143 -20.05 -23.34 0.73
CA LEU A 143 -18.98 -23.20 -0.26
C LEU A 143 -19.59 -22.60 -1.52
N VAL A 144 -19.30 -21.31 -1.77
CA VAL A 144 -19.91 -20.65 -2.92
C VAL A 144 -19.07 -20.94 -4.16
N GLU A 145 -19.70 -20.81 -5.33
CA GLU A 145 -19.24 -21.44 -6.56
C GLU A 145 -19.57 -20.50 -7.70
N TYR A 146 -18.56 -20.00 -8.41
CA TYR A 146 -18.81 -18.92 -9.37
C TYR A 146 -17.60 -18.76 -10.28
N LYS A 147 -17.85 -18.16 -11.44
CA LYS A 147 -16.81 -17.89 -12.42
C LYS A 147 -16.37 -16.45 -12.22
N SER A 148 -15.25 -16.27 -11.52
CA SER A 148 -14.65 -14.94 -11.44
C SER A 148 -14.29 -14.47 -12.84
N CYS A 149 -14.64 -13.22 -13.15
CA CYS A 149 -14.23 -12.63 -14.43
C CYS A 149 -12.72 -12.76 -14.61
N ALA A 150 -11.97 -12.27 -13.63
CA ALA A 150 -10.52 -12.38 -13.61
C ALA A 150 -10.11 -13.84 -13.45
N GLN A 151 -10.33 -14.65 -14.49
CA GLN A 151 -9.89 -16.04 -14.51
C GLN A 151 -9.43 -16.50 -15.88
N ASN A 152 -9.87 -15.86 -16.97
CA ASN A 152 -9.26 -16.11 -18.28
C ASN A 152 -7.91 -15.44 -18.42
N TRP A 153 -7.56 -14.52 -17.52
CA TRP A 153 -6.25 -13.89 -17.47
C TRP A 153 -5.33 -14.50 -16.43
N ILE A 154 -5.85 -15.40 -15.59
CA ILE A 154 -5.04 -16.13 -14.63
C ILE A 154 -4.66 -17.51 -15.15
N TYR A 155 -5.56 -18.16 -15.88
CA TYR A 155 -5.37 -19.53 -16.33
C TYR A 155 -5.40 -19.62 -17.85
N GLU A 156 -4.56 -20.51 -18.38
CA GLU A 156 -4.48 -20.75 -19.81
C GLU A 156 -5.73 -21.47 -20.32
N ALA B 4 12.07 -15.50 29.47
CA ALA B 4 11.17 -14.83 30.42
C ALA B 4 11.06 -13.35 30.05
N MET B 5 12.18 -12.63 30.19
CA MET B 5 12.34 -11.31 29.58
C MET B 5 12.94 -11.39 28.20
N ALA B 6 12.88 -12.56 27.55
CA ALA B 6 13.37 -12.69 26.19
C ALA B 6 12.67 -11.73 25.24
N ASN B 7 11.39 -11.44 25.49
CA ASN B 7 10.58 -10.49 24.74
C ASN B 7 10.99 -9.04 24.99
N SER B 8 11.91 -8.79 25.90
CA SER B 8 12.36 -7.44 26.20
C SER B 8 13.72 -7.13 25.58
N GLU B 9 14.21 -8.01 24.70
CA GLU B 9 15.43 -7.74 23.95
C GLU B 9 15.25 -6.49 23.10
N ARG B 10 16.34 -5.75 22.91
CA ARG B 10 16.32 -4.48 22.20
C ARG B 10 17.42 -4.44 21.15
N THR B 11 17.17 -3.68 20.09
CA THR B 11 18.14 -3.49 19.02
C THR B 11 18.19 -2.02 18.67
N PHE B 12 19.24 -1.62 17.97
CA PHE B 12 19.38 -0.24 17.49
C PHE B 12 19.22 -0.25 15.97
N ILE B 13 18.26 0.54 15.49
CA ILE B 13 18.01 0.74 14.07
C ILE B 13 18.21 2.22 13.77
N ALA B 14 18.96 2.52 12.71
CA ALA B 14 19.18 3.90 12.28
C ALA B 14 18.84 4.02 10.80
N ILE B 15 18.03 5.03 10.48
CA ILE B 15 17.74 5.36 9.09
C ILE B 15 18.81 6.36 8.63
N LYS B 16 19.63 5.93 7.68
CA LYS B 16 20.78 6.69 7.22
C LYS B 16 20.33 7.92 6.43
N PRO B 17 21.22 8.88 6.18
CA PRO B 17 20.78 10.13 5.54
C PRO B 17 20.08 9.92 4.21
N ASP B 18 20.50 8.91 3.43
CA ASP B 18 19.82 8.64 2.17
C ASP B 18 18.40 8.15 2.39
N GLY B 19 18.16 7.36 3.43
CA GLY B 19 16.80 6.94 3.74
C GLY B 19 15.89 8.12 4.08
N VAL B 20 16.41 9.07 4.87
CA VAL B 20 15.66 10.28 5.20
C VAL B 20 15.42 11.11 3.94
N GLN B 21 16.48 11.36 3.16
CA GLN B 21 16.38 12.25 2.01
C GLN B 21 15.45 11.69 0.95
N ARG B 22 15.33 10.36 0.86
CA ARG B 22 14.44 9.76 -0.11
C ARG B 22 13.04 9.52 0.44
N GLY B 23 12.74 10.06 1.62
CA GLY B 23 11.37 10.01 2.13
C GLY B 23 10.89 8.63 2.55
N LEU B 24 11.77 7.82 3.14
CA LEU B 24 11.46 6.45 3.51
C LEU B 24 11.33 6.25 5.02
N VAL B 25 11.25 7.34 5.80
CA VAL B 25 11.17 7.21 7.24
C VAL B 25 9.88 6.50 7.65
N GLY B 26 8.75 6.91 7.07
CA GLY B 26 7.48 6.31 7.44
C GLY B 26 7.37 4.86 7.01
N GLU B 27 7.86 4.55 5.80
CA GLU B 27 7.86 3.18 5.33
C GLU B 27 8.61 2.25 6.26
N ILE B 28 9.79 2.67 6.73
CA ILE B 28 10.64 1.80 7.53
C ILE B 28 10.04 1.56 8.91
N ILE B 29 9.58 2.64 9.56
CA ILE B 29 8.98 2.50 10.88
C ILE B 29 7.77 1.59 10.81
N LYS B 30 6.97 1.73 9.74
CA LYS B 30 5.78 0.91 9.57
C LYS B 30 6.09 -0.58 9.58
N ARG B 31 7.18 -0.98 8.92
CA ARG B 31 7.50 -2.40 8.86
C ARG B 31 7.80 -2.97 10.24
N PHE B 32 8.46 -2.19 11.09
CA PHE B 32 8.71 -2.64 12.46
C PHE B 32 7.44 -2.63 13.29
N GLU B 33 6.57 -1.63 13.08
CA GLU B 33 5.30 -1.57 13.80
C GLU B 33 4.37 -2.71 13.41
N GLN B 34 4.17 -2.92 12.10
CA GLN B 34 3.27 -3.97 11.66
C GLN B 34 3.78 -5.36 12.02
N LYS B 35 5.09 -5.49 12.28
CA LYS B 35 5.66 -6.76 12.71
C LYS B 35 5.30 -7.07 14.16
N GLY B 36 5.04 -6.04 14.96
CA GLY B 36 4.75 -6.21 16.37
C GLY B 36 5.84 -5.73 17.31
N PHE B 37 6.97 -5.23 16.81
CA PHE B 37 7.96 -4.71 17.72
C PHE B 37 7.49 -3.39 18.33
N ARG B 38 8.07 -3.06 19.49
CA ARG B 38 7.65 -1.91 20.26
C ARG B 38 8.71 -0.81 20.17
N LEU B 39 8.27 0.38 19.77
CA LEU B 39 9.14 1.55 19.72
C LEU B 39 9.54 1.96 21.14
N VAL B 40 10.85 2.00 21.40
CA VAL B 40 11.38 2.36 22.71
C VAL B 40 12.07 3.72 22.68
N GLY B 41 12.87 3.98 21.65
CA GLY B 41 13.53 5.25 21.50
C GLY B 41 13.40 5.75 20.08
N LEU B 42 13.42 7.08 19.94
CA LEU B 42 13.26 7.71 18.63
C LEU B 42 13.79 9.13 18.72
N LYS B 43 14.80 9.44 17.91
CA LYS B 43 15.32 10.80 17.85
C LYS B 43 15.79 11.11 16.43
N PHE B 44 15.93 12.41 16.15
CA PHE B 44 16.29 12.92 14.83
C PHE B 44 17.45 13.89 15.00
N LEU B 45 18.59 13.59 14.36
CA LEU B 45 19.79 14.36 14.61
C LEU B 45 20.77 14.17 13.46
N GLN B 46 21.68 15.13 13.34
CA GLN B 46 22.84 15.03 12.44
C GLN B 46 24.02 14.57 13.30
N ALA B 47 24.31 13.28 13.24
CA ALA B 47 25.33 12.71 14.09
C ALA B 47 26.71 13.28 13.76
N SER B 48 27.48 13.60 14.81
CA SER B 48 28.82 14.13 14.66
C SER B 48 29.78 13.05 14.17
N GLU B 49 30.93 13.48 13.68
CA GLU B 49 31.94 12.54 13.24
C GLU B 49 32.46 11.68 14.40
N ASP B 50 32.63 12.27 15.58
CA ASP B 50 33.11 11.50 16.73
C ASP B 50 32.11 10.42 17.11
N LEU B 51 30.81 10.74 17.08
CA LEU B 51 29.79 9.73 17.34
C LEU B 51 29.85 8.62 16.30
N LEU B 52 29.95 8.99 15.02
CA LEU B 52 29.92 7.99 13.96
C LEU B 52 31.18 7.12 13.97
N LYS B 53 32.33 7.71 14.28
CA LYS B 53 33.56 6.92 14.33
C LYS B 53 33.53 5.92 15.47
N GLU B 54 32.93 6.29 16.60
CA GLU B 54 32.70 5.32 17.67
C GLU B 54 31.69 4.26 17.25
N HIS B 55 30.65 4.67 16.54
CA HIS B 55 29.62 3.73 16.11
C HIS B 55 30.20 2.67 15.19
N TYR B 56 31.09 3.08 14.28
CA TYR B 56 31.70 2.18 13.30
C TYR B 56 33.15 1.86 13.65
N THR B 57 33.45 1.77 14.94
CA THR B 57 34.85 1.64 15.37
C THR B 57 35.49 0.37 14.81
N ASP B 58 34.73 -0.73 14.68
CA ASP B 58 35.28 -1.98 14.17
C ASP B 58 35.70 -1.90 12.70
N LEU B 59 35.31 -0.84 11.99
CA LEU B 59 35.59 -0.71 10.57
C LEU B 59 36.64 0.37 10.28
N LYS B 60 37.29 0.91 11.32
CA LYS B 60 38.17 2.06 11.14
C LYS B 60 39.37 1.76 10.23
N ASP B 61 39.72 0.49 10.06
CA ASP B 61 40.80 0.10 9.16
C ASP B 61 40.31 -0.38 7.81
N ARG B 62 39.01 -0.23 7.53
CA ARG B 62 38.50 -0.64 6.23
C ARG B 62 38.71 0.49 5.21
N PRO B 63 38.83 0.14 3.93
CA PRO B 63 39.03 1.17 2.90
C PRO B 63 37.90 2.18 2.78
N PHE B 64 36.67 1.77 3.07
CA PHE B 64 35.49 2.62 2.89
C PHE B 64 35.14 3.40 4.15
N PHE B 65 35.96 3.32 5.19
CA PHE B 65 35.59 3.91 6.47
C PHE B 65 35.42 5.43 6.37
N THR B 66 36.38 6.12 5.76
CA THR B 66 36.30 7.58 5.67
C THR B 66 35.10 8.02 4.85
N GLY B 67 34.82 7.34 3.74
CA GLY B 67 33.62 7.65 2.98
C GLY B 67 32.35 7.35 3.73
N LEU B 68 32.35 6.28 4.54
CA LEU B 68 31.18 5.91 5.32
C LEU B 68 30.87 6.98 6.37
N VAL B 69 31.88 7.41 7.11
CA VAL B 69 31.68 8.43 8.14
C VAL B 69 31.23 9.75 7.52
N LYS B 70 31.83 10.12 6.39
CA LYS B 70 31.45 11.38 5.72
C LYS B 70 30.00 11.34 5.27
N TYR B 71 29.58 10.24 4.65
CA TYR B 71 28.20 10.14 4.17
C TYR B 71 27.22 10.09 5.34
N MET B 72 27.55 9.36 6.41
CA MET B 72 26.64 9.31 7.56
C MET B 72 26.53 10.65 8.26
N HIS B 73 27.47 11.56 8.03
CA HIS B 73 27.48 12.90 8.62
C HIS B 73 26.84 13.95 7.72
N SER B 74 26.66 13.65 6.43
CA SER B 74 26.21 14.64 5.45
C SER B 74 24.77 15.06 5.65
N GLY B 75 24.00 14.34 6.47
CA GLY B 75 22.62 14.67 6.70
C GLY B 75 22.10 14.05 7.97
N PRO B 76 20.84 14.32 8.29
CA PRO B 76 20.25 13.80 9.53
C PRO B 76 19.90 12.33 9.40
N VAL B 77 19.98 11.65 10.54
CA VAL B 77 19.57 10.26 10.64
C VAL B 77 18.42 10.17 11.63
N VAL B 78 17.66 9.08 11.53
CA VAL B 78 16.63 8.74 12.51
C VAL B 78 17.17 7.58 13.32
N ALA B 79 17.43 7.82 14.60
CA ALA B 79 17.94 6.79 15.50
C ALA B 79 16.77 6.21 16.30
N MET B 80 16.74 4.88 16.40
CA MET B 80 15.61 4.21 17.02
C MET B 80 16.09 3.06 17.90
N VAL B 81 15.26 2.73 18.88
CA VAL B 81 15.42 1.52 19.67
C VAL B 81 14.11 0.77 19.60
N TRP B 82 14.16 -0.50 19.22
CA TRP B 82 12.99 -1.35 19.13
C TRP B 82 13.14 -2.54 20.06
N GLU B 83 12.02 -3.03 20.56
CA GLU B 83 12.00 -4.09 21.56
C GLU B 83 11.12 -5.24 21.10
N GLY B 84 11.60 -6.46 21.32
CA GLY B 84 10.79 -7.62 21.05
C GLY B 84 11.62 -8.88 21.08
N LEU B 85 10.93 -10.01 21.08
CA LEU B 85 11.58 -11.30 21.02
C LEU B 85 12.49 -11.39 19.80
N ASN B 86 13.79 -11.61 20.06
CA ASN B 86 14.81 -11.78 19.02
C ASN B 86 14.85 -10.60 18.04
N VAL B 87 14.55 -9.39 18.54
CA VAL B 87 14.47 -8.23 17.66
C VAL B 87 15.81 -7.94 16.96
N VAL B 88 16.94 -8.31 17.57
CA VAL B 88 18.22 -8.05 16.92
C VAL B 88 18.36 -8.90 15.67
N LYS B 89 18.25 -10.22 15.82
CA LYS B 89 18.37 -11.13 14.69
C LYS B 89 17.24 -10.94 13.69
N THR B 90 16.01 -10.75 14.17
CA THR B 90 14.89 -10.55 13.26
C THR B 90 14.99 -9.21 12.56
N GLY B 91 15.45 -8.18 13.26
CA GLY B 91 15.68 -6.89 12.63
C GLY B 91 16.64 -6.97 11.46
N ARG B 92 17.72 -7.76 11.62
CA ARG B 92 18.67 -7.93 10.52
C ARG B 92 18.00 -8.61 9.32
N VAL B 93 17.16 -9.63 9.59
CA VAL B 93 16.46 -10.30 8.50
C VAL B 93 15.53 -9.32 7.78
N MET B 94 14.84 -8.47 8.54
CA MET B 94 13.96 -7.49 7.94
C MET B 94 14.74 -6.46 7.12
N LEU B 95 15.99 -6.20 7.49
CA LEU B 95 16.80 -5.22 6.78
C LEU B 95 17.32 -5.78 5.46
N GLY B 96 17.75 -7.03 5.46
CA GLY B 96 18.39 -7.64 4.32
C GLY B 96 19.86 -7.87 4.56
N GLU B 97 20.61 -7.93 3.47
CA GLU B 97 22.04 -8.14 3.51
C GLU B 97 22.77 -6.81 3.30
N THR B 98 24.07 -6.82 3.61
CA THR B 98 24.90 -5.62 3.47
C THR B 98 24.81 -5.05 2.07
N ASN B 99 25.08 -5.87 1.06
CA ASN B 99 24.88 -5.46 -0.31
C ASN B 99 23.40 -5.55 -0.65
N PRO B 100 22.75 -4.44 -1.03
CA PRO B 100 21.35 -4.52 -1.45
C PRO B 100 21.12 -5.47 -2.62
N ALA B 101 22.13 -5.70 -3.46
CA ALA B 101 21.98 -6.65 -4.54
C ALA B 101 21.83 -8.08 -4.03
N ASP B 102 22.29 -8.36 -2.81
CA ASP B 102 22.06 -9.64 -2.17
C ASP B 102 20.83 -9.63 -1.26
N SER B 103 20.13 -8.51 -1.15
CA SER B 103 18.95 -8.40 -0.31
C SER B 103 17.71 -8.78 -1.11
N LYS B 104 16.88 -9.51 -0.50
CA LYS B 104 15.78 -10.10 -1.24
C LYS B 104 14.57 -9.17 -1.24
N PRO B 105 13.72 -9.25 -2.25
CA PRO B 105 12.47 -8.50 -2.22
C PRO B 105 11.66 -8.84 -0.98
N GLY B 106 11.07 -7.82 -0.36
CA GLY B 106 10.39 -7.94 0.90
C GLY B 106 11.19 -7.40 2.07
N THR B 107 12.51 -7.34 1.93
CA THR B 107 13.37 -6.69 2.92
C THR B 107 13.50 -5.22 2.59
N ILE B 108 13.89 -4.44 3.60
CA ILE B 108 13.97 -2.99 3.44
C ILE B 108 15.01 -2.62 2.38
N ARG B 109 16.24 -3.14 2.51
CA ARG B 109 17.26 -2.81 1.52
C ARG B 109 16.93 -3.39 0.15
N GLY B 110 16.28 -4.55 0.12
CA GLY B 110 15.92 -5.14 -1.17
C GLY B 110 14.86 -4.38 -1.92
N ASP B 111 13.90 -3.78 -1.21
CA ASP B 111 12.84 -3.05 -1.86
C ASP B 111 13.23 -1.61 -2.22
N PHE B 112 14.15 -1.00 -1.49
CA PHE B 112 14.30 0.46 -1.55
C PHE B 112 15.68 0.99 -1.94
N CYS B 113 16.73 0.17 -2.03
CA CYS B 113 18.03 0.73 -2.40
C CYS B 113 18.80 -0.26 -3.27
N ILE B 114 19.94 0.21 -3.78
CA ILE B 114 20.66 -0.44 -4.88
C ILE B 114 22.10 -0.77 -4.49
N GLN B 115 22.83 0.21 -3.96
CA GLN B 115 24.28 0.13 -3.80
C GLN B 115 24.68 -0.02 -2.35
N VAL B 116 25.78 -0.74 -2.11
CA VAL B 116 26.19 -1.03 -0.73
C VAL B 116 26.54 0.25 0.02
N GLY B 117 27.07 1.27 -0.68
CA GLY B 117 27.44 2.51 -0.02
C GLY B 117 26.27 3.40 0.37
N ARG B 118 25.07 3.10 -0.14
CA ARG B 118 23.87 3.86 0.12
C ARG B 118 22.74 2.87 0.41
N ASN B 119 22.82 2.21 1.57
CA ASN B 119 21.88 1.14 1.92
C ASN B 119 20.90 1.57 3.02
N ILE B 120 20.64 2.89 3.10
CA ILE B 120 19.50 3.54 3.76
C ILE B 120 19.28 3.21 5.24
N ILE B 121 19.80 2.10 5.74
CA ILE B 121 19.45 1.67 7.10
C ILE B 121 20.62 0.96 7.75
N HIS B 122 20.68 1.07 9.08
CA HIS B 122 21.61 0.31 9.91
C HIS B 122 20.83 -0.48 10.95
N GLY B 123 21.33 -1.68 11.26
CA GLY B 123 20.77 -2.46 12.34
C GLY B 123 21.84 -3.21 13.12
N SER B 124 21.69 -3.27 14.45
CA SER B 124 22.65 -3.98 15.29
C SER B 124 22.79 -5.44 14.85
N ASP B 125 24.03 -5.92 14.75
CA ASP B 125 24.28 -7.27 14.28
C ASP B 125 24.33 -8.32 15.39
N SER B 126 24.25 -7.90 16.66
CA SER B 126 24.27 -8.83 17.77
C SER B 126 23.72 -8.13 19.01
N VAL B 127 23.33 -8.92 20.01
CA VAL B 127 22.86 -8.33 21.25
C VAL B 127 23.95 -7.50 21.90
N LYS B 128 25.21 -7.95 21.78
CA LYS B 128 26.33 -7.18 22.31
C LYS B 128 26.43 -5.84 21.60
N SER B 129 26.47 -5.84 20.27
CA SER B 129 26.50 -4.59 19.51
C SER B 129 25.30 -3.71 19.85
N ALA B 130 24.16 -4.31 20.15
CA ALA B 130 22.94 -3.54 20.34
C ALA B 130 23.01 -2.68 21.61
N GLU B 131 23.40 -3.29 22.73
CA GLU B 131 23.48 -2.53 23.97
C GLU B 131 24.57 -1.48 23.91
N LYS B 132 25.68 -1.77 23.20
CA LYS B 132 26.68 -0.73 22.95
C LYS B 132 26.11 0.41 22.12
N GLU B 133 25.39 0.08 21.04
CA GLU B 133 24.87 1.13 20.17
C GLU B 133 23.75 1.91 20.82
N ILE B 134 22.91 1.24 21.62
CA ILE B 134 21.79 1.93 22.26
C ILE B 134 22.29 2.97 23.25
N SER B 135 23.23 2.58 24.11
CA SER B 135 23.76 3.53 25.09
C SER B 135 24.58 4.62 24.42
N LEU B 136 25.21 4.32 23.28
CA LEU B 136 26.00 5.32 22.58
C LEU B 136 25.12 6.43 22.02
N TRP B 137 23.94 6.07 21.50
CA TRP B 137 23.07 7.04 20.87
C TRP B 137 21.98 7.58 21.78
N PHE B 138 21.68 6.88 22.88
CA PHE B 138 20.55 7.20 23.74
C PHE B 138 20.98 7.22 25.19
N GLN B 139 20.47 8.15 25.90
CA GLN B 139 20.52 8.15 27.36
C GLN B 139 19.32 7.39 27.91
N PRO B 140 19.49 6.76 29.07
CA PRO B 140 18.44 5.87 29.60
C PRO B 140 17.08 6.53 29.79
N GLU B 141 17.05 7.83 30.11
CA GLU B 141 15.76 8.50 30.31
C GLU B 141 15.05 8.82 29.01
N GLU B 142 15.70 8.60 27.86
CA GLU B 142 15.06 8.76 26.56
C GLU B 142 14.34 7.51 26.10
N LEU B 143 14.53 6.39 26.79
CA LEU B 143 13.90 5.12 26.43
C LEU B 143 12.57 5.04 27.20
N VAL B 144 11.45 5.12 26.49
CA VAL B 144 10.15 5.20 27.15
C VAL B 144 9.59 3.78 27.36
N GLU B 145 8.76 3.62 28.39
CA GLU B 145 8.13 2.34 28.75
C GLU B 145 6.63 2.45 28.62
N TYR B 146 6.04 1.49 27.92
CA TYR B 146 4.60 1.37 27.84
C TYR B 146 4.25 -0.03 27.40
N LYS B 147 3.05 -0.46 27.77
CA LYS B 147 2.49 -1.74 27.32
C LYS B 147 1.25 -1.49 26.47
N SER B 148 1.17 -2.17 25.32
CA SER B 148 0.08 -1.94 24.39
C SER B 148 -0.92 -3.09 24.43
N CYS B 149 -2.14 -2.78 23.98
CA CYS B 149 -3.16 -3.81 23.90
C CYS B 149 -2.71 -4.97 23.03
N ALA B 150 -1.89 -4.71 22.01
CA ALA B 150 -1.45 -5.77 21.11
C ALA B 150 -0.51 -6.76 21.77
N GLN B 151 0.17 -6.37 22.85
CA GLN B 151 1.12 -7.27 23.50
C GLN B 151 0.47 -8.58 23.94
N ASN B 152 -0.80 -8.53 24.31
CA ASN B 152 -1.51 -9.75 24.71
C ASN B 152 -1.69 -10.69 23.53
N TRP B 153 -1.72 -10.16 22.30
CA TRP B 153 -1.92 -10.96 21.11
C TRP B 153 -0.65 -11.19 20.30
N ILE B 154 0.45 -10.53 20.66
CA ILE B 154 1.73 -10.78 20.02
C ILE B 154 2.51 -11.85 20.77
N TYR B 155 2.40 -11.88 22.09
CA TYR B 155 3.13 -12.82 22.92
C TYR B 155 2.14 -13.64 23.76
N GLU B 156 2.47 -14.91 23.94
CA GLU B 156 1.65 -15.81 24.74
C GLU B 156 1.97 -15.61 26.22
N MET C 5 29.99 3.63 -15.91
CA MET C 5 29.32 2.87 -16.95
C MET C 5 28.49 1.74 -16.35
N ALA C 6 28.94 1.23 -15.20
CA ALA C 6 28.21 0.14 -14.55
C ALA C 6 26.87 0.62 -14.00
N ASN C 7 26.83 1.87 -13.51
CA ASN C 7 25.57 2.45 -13.05
C ASN C 7 24.62 2.79 -14.19
N SER C 8 25.06 2.67 -15.44
CA SER C 8 24.24 3.00 -16.59
C SER C 8 23.69 1.77 -17.31
N GLU C 9 23.82 0.59 -16.69
CA GLU C 9 23.23 -0.61 -17.26
C GLU C 9 21.72 -0.44 -17.43
N ARG C 10 21.18 -1.03 -18.48
CA ARG C 10 19.76 -0.93 -18.79
C ARG C 10 19.18 -2.32 -18.98
N THR C 11 17.88 -2.46 -18.68
CA THR C 11 17.18 -3.71 -18.93
C THR C 11 15.84 -3.40 -19.56
N PHE C 12 15.27 -4.43 -20.20
CA PHE C 12 13.96 -4.35 -20.81
C PHE C 12 12.95 -5.07 -19.92
N ILE C 13 11.88 -4.37 -19.55
CA ILE C 13 10.80 -4.93 -18.75
C ILE C 13 9.49 -4.72 -19.50
N ALA C 14 8.71 -5.79 -19.66
CA ALA C 14 7.44 -5.72 -20.36
C ALA C 14 6.34 -6.27 -19.48
N ILE C 15 5.28 -5.50 -19.31
CA ILE C 15 4.09 -5.99 -18.63
C ILE C 15 3.21 -6.64 -19.69
N LYS C 16 2.91 -7.93 -19.50
CA LYS C 16 2.19 -8.73 -20.45
C LYS C 16 0.70 -8.38 -20.42
N PRO C 17 -0.09 -8.87 -21.39
CA PRO C 17 -1.51 -8.48 -21.42
C PRO C 17 -2.28 -8.79 -20.15
N ASP C 18 -2.06 -9.95 -19.52
CA ASP C 18 -2.76 -10.25 -18.27
C ASP C 18 -2.36 -9.28 -17.17
N GLY C 19 -1.13 -8.79 -17.20
CA GLY C 19 -0.72 -7.77 -16.24
C GLY C 19 -1.44 -6.46 -16.46
N VAL C 20 -1.66 -6.06 -17.72
CA VAL C 20 -2.41 -4.85 -18.00
C VAL C 20 -3.89 -5.05 -17.66
N GLN C 21 -4.44 -6.21 -18.03
CA GLN C 21 -5.86 -6.46 -17.84
C GLN C 21 -6.24 -6.52 -16.36
N ARG C 22 -5.31 -6.91 -15.50
CA ARG C 22 -5.61 -7.04 -14.08
C ARG C 22 -5.24 -5.79 -13.29
N GLY C 23 -4.83 -4.72 -13.96
CA GLY C 23 -4.59 -3.45 -13.29
C GLY C 23 -3.32 -3.35 -12.47
N LEU C 24 -2.25 -4.00 -12.92
CA LEU C 24 -1.01 -4.09 -12.15
C LEU C 24 0.09 -3.19 -12.71
N VAL C 25 -0.23 -2.29 -13.64
CA VAL C 25 0.81 -1.47 -14.27
C VAL C 25 1.44 -0.51 -13.26
N GLY C 26 0.61 0.20 -12.49
CA GLY C 26 1.15 1.14 -11.52
C GLY C 26 1.89 0.44 -10.39
N GLU C 27 1.37 -0.71 -9.96
CA GLU C 27 2.04 -1.50 -8.93
C GLU C 27 3.43 -1.93 -9.38
N ILE C 28 3.56 -2.41 -10.61
CA ILE C 28 4.84 -2.90 -11.12
C ILE C 28 5.83 -1.75 -11.26
N ILE C 29 5.39 -0.65 -11.86
CA ILE C 29 6.23 0.54 -11.99
C ILE C 29 6.70 1.03 -10.63
N LYS C 30 5.79 1.03 -9.65
CA LYS C 30 6.12 1.55 -8.33
C LYS C 30 7.29 0.79 -7.71
N ARG C 31 7.35 -0.52 -7.96
CA ARG C 31 8.42 -1.33 -7.38
C ARG C 31 9.79 -0.95 -7.93
N PHE C 32 9.87 -0.63 -9.22
CA PHE C 32 11.13 -0.19 -9.80
C PHE C 32 11.48 1.24 -9.40
N GLU C 33 10.48 2.12 -9.28
CA GLU C 33 10.74 3.48 -8.84
C GLU C 33 11.24 3.52 -7.40
N GLN C 34 10.53 2.83 -6.50
CA GLN C 34 10.92 2.85 -5.09
C GLN C 34 12.26 2.18 -4.86
N LYS C 35 12.65 1.25 -5.75
CA LYS C 35 13.95 0.61 -5.65
C LYS C 35 15.08 1.59 -5.98
N GLY C 36 14.81 2.59 -6.81
CA GLY C 36 15.81 3.57 -7.18
C GLY C 36 16.25 3.51 -8.61
N PHE C 37 15.66 2.65 -9.44
CA PHE C 37 16.03 2.61 -10.84
C PHE C 37 15.38 3.76 -11.59
N ARG C 38 16.02 4.19 -12.67
CA ARG C 38 15.58 5.33 -13.46
C ARG C 38 14.78 4.86 -14.66
N LEU C 39 13.58 5.39 -14.82
CA LEU C 39 12.77 5.11 -16.00
C LEU C 39 13.38 5.80 -17.21
N VAL C 40 13.59 5.05 -18.29
CA VAL C 40 14.23 5.54 -19.50
C VAL C 40 13.26 5.56 -20.67
N GLY C 41 12.46 4.52 -20.80
CA GLY C 41 11.48 4.43 -21.87
C GLY C 41 10.23 3.79 -21.36
N LEU C 42 9.09 4.20 -21.93
CA LEU C 42 7.79 3.73 -21.50
C LEU C 42 6.81 3.93 -22.65
N LYS C 43 6.22 2.84 -23.13
CA LYS C 43 5.27 2.91 -24.22
C LYS C 43 4.21 1.82 -24.03
N PHE C 44 3.08 2.01 -24.69
CA PHE C 44 1.92 1.15 -24.57
C PHE C 44 1.42 0.81 -25.96
N LEU C 45 1.40 -0.48 -26.30
CA LEU C 45 1.08 -0.87 -27.66
C LEU C 45 0.58 -2.31 -27.67
N GLN C 46 -0.09 -2.67 -28.77
CA GLN C 46 -0.42 -4.06 -29.06
C GLN C 46 0.66 -4.59 -30.00
N ALA C 47 1.52 -5.46 -29.48
CA ALA C 47 2.65 -5.95 -30.24
C ALA C 47 2.19 -6.80 -31.42
N SER C 48 2.81 -6.58 -32.58
CA SER C 48 2.52 -7.38 -33.75
C SER C 48 3.04 -8.80 -33.57
N GLU C 49 2.57 -9.70 -34.42
CA GLU C 49 2.98 -11.10 -34.33
C GLU C 49 4.43 -11.28 -34.72
N ASP C 50 4.93 -10.47 -35.67
CA ASP C 50 6.35 -10.56 -36.02
C ASP C 50 7.23 -10.08 -34.88
N LEU C 51 6.85 -8.96 -34.25
CA LEU C 51 7.63 -8.45 -33.12
C LEU C 51 7.70 -9.45 -31.99
N LEU C 52 6.60 -10.16 -31.71
CA LEU C 52 6.59 -11.13 -30.62
C LEU C 52 7.39 -12.38 -30.98
N LYS C 53 7.29 -12.83 -32.24
CA LYS C 53 8.09 -13.98 -32.65
C LYS C 53 9.57 -13.68 -32.66
N GLU C 54 9.93 -12.44 -33.03
CA GLU C 54 11.33 -12.04 -32.90
C GLU C 54 11.75 -11.94 -31.44
N HIS C 55 10.85 -11.44 -30.58
CA HIS C 55 11.16 -11.32 -29.16
C HIS C 55 11.40 -12.68 -28.53
N TYR C 56 10.62 -13.68 -28.93
CA TYR C 56 10.71 -15.03 -28.37
C TYR C 56 11.30 -16.02 -29.37
N THR C 57 12.27 -15.55 -30.18
CA THR C 57 12.80 -16.40 -31.25
C THR C 57 13.57 -17.60 -30.69
N ASP C 58 14.16 -17.47 -29.50
CA ASP C 58 14.90 -18.58 -28.91
C ASP C 58 13.98 -19.69 -28.39
N LEU C 59 12.66 -19.55 -28.52
CA LEU C 59 11.69 -20.54 -28.05
C LEU C 59 10.78 -21.02 -29.17
N LYS C 60 11.16 -20.83 -30.44
CA LYS C 60 10.25 -21.15 -31.54
C LYS C 60 9.99 -22.65 -31.68
N ASP C 61 10.88 -23.50 -31.20
CA ASP C 61 10.70 -24.94 -31.29
C ASP C 61 10.10 -25.55 -30.03
N ARG C 62 9.51 -24.72 -29.16
CA ARG C 62 8.86 -25.22 -27.95
C ARG C 62 7.39 -25.48 -28.22
N PRO C 63 6.79 -26.47 -27.54
CA PRO C 63 5.37 -26.79 -27.79
C PRO C 63 4.43 -25.67 -27.42
N PHE C 64 4.82 -24.79 -26.49
CA PHE C 64 3.99 -23.68 -26.04
C PHE C 64 4.24 -22.39 -26.81
N PHE C 65 5.13 -22.42 -27.81
CA PHE C 65 5.51 -21.18 -28.49
C PHE C 65 4.32 -20.54 -29.20
N THR C 66 3.51 -21.36 -29.88
CA THR C 66 2.37 -20.82 -30.62
C THR C 66 1.38 -20.14 -29.67
N GLY C 67 1.03 -20.81 -28.57
CA GLY C 67 0.11 -20.22 -27.62
C GLY C 67 0.68 -19.00 -26.91
N LEU C 68 2.00 -18.96 -26.73
CA LEU C 68 2.63 -17.80 -26.10
C LEU C 68 2.49 -16.55 -26.97
N VAL C 69 2.80 -16.68 -28.26
CA VAL C 69 2.70 -15.54 -29.16
C VAL C 69 1.25 -15.07 -29.28
N LYS C 70 0.31 -16.01 -29.41
CA LYS C 70 -1.10 -15.65 -29.49
C LYS C 70 -1.55 -14.90 -28.23
N TYR C 71 -1.18 -15.41 -27.06
CA TYR C 71 -1.56 -14.75 -25.81
C TYR C 71 -0.88 -13.40 -25.67
N MET C 72 0.40 -13.30 -26.05
CA MET C 72 1.10 -12.01 -26.02
C MET C 72 0.49 -11.03 -27.01
N HIS C 73 -0.15 -11.51 -28.07
CA HIS C 73 -0.82 -10.67 -29.04
C HIS C 73 -2.28 -10.40 -28.69
N SER C 74 -2.82 -11.14 -27.72
CA SER C 74 -4.23 -11.03 -27.35
C SER C 74 -4.59 -9.68 -26.74
N GLY C 75 -3.62 -8.94 -26.23
CA GLY C 75 -3.88 -7.64 -25.65
C GLY C 75 -2.67 -6.72 -25.74
N PRO C 76 -2.80 -5.52 -25.21
CA PRO C 76 -1.69 -4.58 -25.24
C PRO C 76 -0.71 -4.82 -24.11
N VAL C 77 0.54 -4.45 -24.37
CA VAL C 77 1.62 -4.62 -23.41
C VAL C 77 2.23 -3.26 -23.11
N VAL C 78 2.82 -3.16 -21.92
CA VAL C 78 3.55 -1.98 -21.50
C VAL C 78 5.03 -2.31 -21.61
N ALA C 79 5.74 -1.59 -22.48
CA ALA C 79 7.16 -1.79 -22.66
C ALA C 79 7.92 -0.71 -21.90
N MET C 80 9.03 -1.12 -21.28
CA MET C 80 9.76 -0.25 -20.38
C MET C 80 11.25 -0.52 -20.48
N VAL C 81 12.04 0.52 -20.26
CA VAL C 81 13.48 0.40 -20.09
C VAL C 81 13.85 1.08 -18.79
N TRP C 82 14.57 0.37 -17.93
CA TRP C 82 15.02 0.88 -16.64
C TRP C 82 16.54 0.85 -16.59
N GLU C 83 17.12 1.85 -15.90
CA GLU C 83 18.56 2.03 -15.84
C GLU C 83 19.03 2.02 -14.39
N GLY C 84 20.09 1.27 -14.14
CA GLY C 84 20.75 1.32 -12.84
C GLY C 84 21.77 0.23 -12.70
N LEU C 85 22.54 0.33 -11.62
CA LEU C 85 23.56 -0.67 -11.33
C LEU C 85 22.93 -2.05 -11.24
N ASN C 86 23.46 -3.00 -12.03
CA ASN C 86 22.99 -4.39 -12.02
C ASN C 86 21.48 -4.50 -12.22
N VAL C 87 20.90 -3.59 -13.02
CA VAL C 87 19.45 -3.59 -13.17
C VAL C 87 18.96 -4.85 -13.86
N VAL C 88 19.76 -5.45 -14.75
CA VAL C 88 19.32 -6.68 -15.42
C VAL C 88 19.15 -7.81 -14.41
N LYS C 89 20.22 -8.10 -13.66
CA LYS C 89 20.17 -9.18 -12.68
C LYS C 89 19.17 -8.87 -11.57
N THR C 90 19.21 -7.65 -11.03
CA THR C 90 18.29 -7.30 -9.96
C THR C 90 16.85 -7.24 -10.46
N GLY C 91 16.64 -6.80 -11.70
CA GLY C 91 15.32 -6.85 -12.29
C GLY C 91 14.74 -8.26 -12.28
N ARG C 92 15.57 -9.26 -12.58
CA ARG C 92 15.10 -10.64 -12.55
C ARG C 92 14.73 -11.07 -11.13
N VAL C 93 15.53 -10.65 -10.15
CA VAL C 93 15.26 -11.01 -8.75
C VAL C 93 13.94 -10.41 -8.30
N MET C 94 13.66 -9.15 -8.69
CA MET C 94 12.43 -8.49 -8.29
C MET C 94 11.20 -9.11 -8.95
N LEU C 95 11.37 -9.62 -10.17
CA LEU C 95 10.30 -10.32 -10.88
C LEU C 95 10.01 -11.67 -10.25
N GLY C 96 11.05 -12.38 -9.81
CA GLY C 96 10.85 -13.75 -9.36
C GLY C 96 11.33 -14.78 -10.36
N GLU C 97 10.69 -15.94 -10.39
CA GLU C 97 11.10 -17.05 -11.25
C GLU C 97 10.10 -17.26 -12.38
N THR C 98 10.50 -18.05 -13.37
CA THR C 98 9.65 -18.32 -14.53
C THR C 98 8.29 -18.87 -14.10
N ASN C 99 8.31 -19.89 -13.25
CA ASN C 99 7.07 -20.40 -12.70
C ASN C 99 6.68 -19.57 -11.48
N PRO C 100 5.50 -18.94 -11.48
CA PRO C 100 5.07 -18.20 -10.28
C PRO C 100 5.02 -19.05 -9.02
N ALA C 101 4.85 -20.37 -9.14
CA ALA C 101 4.85 -21.22 -7.96
C ALA C 101 6.24 -21.34 -7.34
N ASP C 102 7.29 -21.04 -8.10
CA ASP C 102 8.64 -20.95 -7.55
C ASP C 102 9.02 -19.54 -7.14
N SER C 103 8.17 -18.55 -7.44
CA SER C 103 8.45 -17.15 -7.13
C SER C 103 8.11 -16.87 -5.68
N LYS C 104 9.01 -16.18 -4.97
CA LYS C 104 8.85 -15.96 -3.55
C LYS C 104 7.91 -14.77 -3.27
N PRO C 105 7.17 -14.81 -2.16
CA PRO C 105 6.45 -13.61 -1.73
C PRO C 105 7.41 -12.44 -1.59
N GLY C 106 6.96 -11.27 -2.05
CA GLY C 106 7.79 -10.09 -2.15
C GLY C 106 8.19 -9.76 -3.58
N THR C 107 8.23 -10.76 -4.45
CA THR C 107 8.50 -10.54 -5.87
C THR C 107 7.20 -10.29 -6.62
N ILE C 108 7.33 -9.75 -7.84
CA ILE C 108 6.15 -9.43 -8.63
C ILE C 108 5.37 -10.69 -8.98
N ARG C 109 6.03 -11.70 -9.55
CA ARG C 109 5.32 -12.92 -9.90
C ARG C 109 4.84 -13.67 -8.66
N GLY C 110 5.61 -13.62 -7.58
CA GLY C 110 5.20 -14.31 -6.36
C GLY C 110 3.97 -13.70 -5.72
N ASP C 111 3.84 -12.38 -5.78
CA ASP C 111 2.70 -11.69 -5.18
C ASP C 111 1.44 -11.73 -6.04
N PHE C 112 1.58 -11.81 -7.38
CA PHE C 112 0.48 -11.43 -8.26
C PHE C 112 0.01 -12.45 -9.29
N CYS C 113 0.72 -13.55 -9.54
CA CYS C 113 0.20 -14.51 -10.51
C CYS C 113 0.47 -15.94 -10.06
N ILE C 114 -0.12 -16.89 -10.80
CA ILE C 114 -0.26 -18.28 -10.36
C ILE C 114 0.40 -19.25 -11.31
N GLN C 115 0.10 -19.17 -12.61
CA GLN C 115 0.56 -20.15 -13.57
C GLN C 115 1.57 -19.55 -14.54
N VAL C 116 2.48 -20.40 -15.03
CA VAL C 116 3.58 -19.92 -15.85
C VAL C 116 3.09 -19.30 -17.15
N GLY C 117 2.03 -19.84 -17.75
CA GLY C 117 1.51 -19.29 -18.99
C GLY C 117 0.87 -17.92 -18.85
N ARG C 118 0.59 -17.50 -17.61
CA ARG C 118 0.03 -16.18 -17.31
C ARG C 118 0.85 -15.57 -16.17
N ASN C 119 2.09 -15.17 -16.49
CA ASN C 119 3.02 -14.65 -15.49
C ASN C 119 3.27 -13.15 -15.66
N ILE C 120 2.29 -12.43 -16.22
CA ILE C 120 2.10 -10.98 -16.16
C ILE C 120 3.28 -10.10 -16.56
N ILE C 121 4.50 -10.63 -16.60
CA ILE C 121 5.66 -9.75 -16.74
C ILE C 121 6.81 -10.49 -17.39
N HIS C 122 7.62 -9.74 -18.13
CA HIS C 122 8.85 -10.21 -18.75
C HIS C 122 10.00 -9.28 -18.38
N GLY C 123 11.17 -9.86 -18.14
CA GLY C 123 12.40 -9.10 -17.97
C GLY C 123 13.60 -9.75 -18.65
N SER C 124 14.48 -8.93 -19.21
CA SER C 124 15.70 -9.44 -19.83
C SER C 124 16.52 -10.27 -18.84
N ASP C 125 17.07 -11.38 -19.33
CA ASP C 125 17.87 -12.28 -18.51
C ASP C 125 19.36 -12.04 -18.60
N SER C 126 19.81 -11.09 -19.41
CA SER C 126 21.23 -10.78 -19.53
C SER C 126 21.36 -9.41 -20.19
N VAL C 127 22.52 -8.78 -19.99
CA VAL C 127 22.77 -7.51 -20.65
C VAL C 127 22.67 -7.67 -22.16
N LYS C 128 23.24 -8.75 -22.70
CA LYS C 128 23.18 -9.01 -24.13
C LYS C 128 21.74 -9.03 -24.63
N SER C 129 20.89 -9.87 -24.03
CA SER C 129 19.49 -9.93 -24.45
C SER C 129 18.78 -8.61 -24.19
N ALA C 130 19.17 -7.88 -23.15
CA ALA C 130 18.56 -6.57 -22.91
C ALA C 130 18.87 -5.60 -24.04
N GLU C 131 20.12 -5.56 -24.49
CA GLU C 131 20.48 -4.69 -25.60
C GLU C 131 19.67 -5.01 -26.84
N LYS C 132 19.43 -6.29 -27.13
CA LYS C 132 18.65 -6.65 -28.31
C LYS C 132 17.17 -6.32 -28.12
N GLU C 133 16.65 -6.57 -26.91
CA GLU C 133 15.24 -6.31 -26.66
C GLU C 133 14.94 -4.81 -26.69
N ILE C 134 15.86 -4.00 -26.17
CA ILE C 134 15.63 -2.56 -26.15
C ILE C 134 15.63 -1.99 -27.57
N SER C 135 16.55 -2.44 -28.42
CA SER C 135 16.55 -1.99 -29.81
C SER C 135 15.36 -2.53 -30.57
N LEU C 136 14.93 -3.76 -30.26
CA LEU C 136 13.80 -4.37 -30.96
C LEU C 136 12.49 -3.64 -30.68
N TRP C 137 12.31 -3.15 -29.43
CA TRP C 137 11.05 -2.57 -28.99
C TRP C 137 11.04 -1.05 -28.99
N PHE C 138 12.19 -0.39 -28.88
CA PHE C 138 12.25 1.05 -28.79
C PHE C 138 13.10 1.63 -29.91
N GLN C 139 12.70 2.83 -30.37
CA GLN C 139 13.51 3.68 -31.23
C GLN C 139 14.41 4.56 -30.38
N PRO C 140 15.57 4.98 -30.90
CA PRO C 140 16.53 5.71 -30.06
C PRO C 140 15.99 6.98 -29.42
N GLU C 141 15.10 7.71 -30.12
CA GLU C 141 14.56 8.93 -29.54
C GLU C 141 13.57 8.63 -28.40
N GLU C 142 13.02 7.43 -28.35
CA GLU C 142 12.10 7.04 -27.28
C GLU C 142 12.82 6.76 -25.97
N LEU C 143 14.14 6.83 -25.94
CA LEU C 143 14.92 6.62 -24.72
C LEU C 143 15.35 8.00 -24.20
N VAL C 144 14.87 8.35 -23.02
CA VAL C 144 15.05 9.69 -22.48
C VAL C 144 16.20 9.71 -21.51
N GLU C 145 17.08 10.70 -21.65
CA GLU C 145 18.22 10.91 -20.77
C GLU C 145 17.94 12.08 -19.84
N TYR C 146 18.04 11.84 -18.53
CA TYR C 146 17.87 12.89 -17.56
C TYR C 146 18.50 12.45 -16.24
N LYS C 147 18.89 13.43 -15.43
CA LYS C 147 19.42 13.16 -14.10
C LYS C 147 18.33 13.39 -13.07
N SER C 148 17.95 12.33 -12.36
CA SER C 148 17.03 12.48 -11.24
C SER C 148 17.79 12.91 -10.00
N CYS C 149 17.11 13.68 -9.14
N CYS C 149 17.11 13.68 -9.14
CA CYS C 149 17.75 14.14 -7.91
CA CYS C 149 17.72 14.16 -7.91
C CYS C 149 18.16 12.97 -7.03
C CYS C 149 18.03 13.04 -6.93
N ALA C 150 17.45 11.85 -7.12
CA ALA C 150 17.68 10.73 -6.22
C ALA C 150 19.05 10.09 -6.37
N GLN C 151 19.73 10.30 -7.50
CA GLN C 151 20.91 9.49 -7.81
C GLN C 151 22.08 9.76 -6.87
N ASN C 152 22.20 10.98 -6.33
CA ASN C 152 23.28 11.24 -5.40
C ASN C 152 23.09 10.56 -4.06
N TRP C 153 21.84 10.24 -3.70
CA TRP C 153 21.58 9.46 -2.51
C TRP C 153 21.44 7.97 -2.79
N ILE C 154 21.42 7.57 -4.06
CA ILE C 154 21.37 6.17 -4.43
C ILE C 154 22.77 5.61 -4.70
N TYR C 155 23.62 6.37 -5.37
CA TYR C 155 24.97 5.95 -5.69
C TYR C 155 25.99 6.84 -4.99
N GLU C 156 27.08 6.24 -4.54
CA GLU C 156 28.16 6.97 -3.91
C GLU C 156 29.11 7.54 -4.96
N ALA D 6 -24.52 3.91 22.64
CA ALA D 6 -24.18 4.39 21.30
C ALA D 6 -22.88 3.78 20.80
N ASN D 7 -22.00 3.41 21.75
CA ASN D 7 -20.74 2.76 21.41
C ASN D 7 -20.91 1.36 20.85
N SER D 8 -22.10 0.78 20.96
CA SER D 8 -22.37 -0.57 20.48
C SER D 8 -23.29 -0.57 19.25
N GLU D 9 -23.43 0.58 18.59
CA GLU D 9 -24.22 0.64 17.37
C GLU D 9 -23.62 -0.29 16.31
N ARG D 10 -24.49 -0.86 15.49
CA ARG D 10 -24.08 -1.80 14.46
C ARG D 10 -24.63 -1.38 13.10
N THR D 11 -23.88 -1.69 12.05
CA THR D 11 -24.31 -1.42 10.69
C THR D 11 -24.10 -2.65 9.83
N PHE D 12 -24.83 -2.73 8.73
CA PHE D 12 -24.70 -3.82 7.78
C PHE D 12 -23.96 -3.32 6.54
N ILE D 13 -22.85 -3.98 6.22
CA ILE D 13 -22.08 -3.68 5.03
C ILE D 13 -22.08 -4.92 4.15
N ALA D 14 -22.35 -4.74 2.86
CA ALA D 14 -22.36 -5.85 1.91
C ALA D 14 -21.46 -5.48 0.74
N ILE D 15 -20.53 -6.36 0.41
CA ILE D 15 -19.69 -6.18 -0.76
C ILE D 15 -20.40 -6.85 -1.93
N LYS D 16 -20.83 -6.04 -2.90
CA LYS D 16 -21.65 -6.48 -4.01
C LYS D 16 -20.83 -7.36 -4.95
N PRO D 17 -21.48 -8.09 -5.87
CA PRO D 17 -20.71 -9.06 -6.68
C PRO D 17 -19.56 -8.45 -7.45
N ASP D 18 -19.74 -7.25 -8.03
CA ASP D 18 -18.64 -6.63 -8.77
C ASP D 18 -17.44 -6.38 -7.86
N GLY D 19 -17.68 -5.97 -6.61
CA GLY D 19 -16.58 -5.79 -5.68
C GLY D 19 -15.85 -7.08 -5.38
N VAL D 20 -16.59 -8.17 -5.21
CA VAL D 20 -15.96 -9.47 -5.01
C VAL D 20 -15.18 -9.88 -6.25
N GLN D 21 -15.76 -9.68 -7.43
CA GLN D 21 -15.12 -10.11 -8.68
C GLN D 21 -13.87 -9.31 -8.99
N ARG D 22 -13.80 -8.06 -8.54
CA ARG D 22 -12.65 -7.21 -8.79
C ARG D 22 -11.60 -7.28 -7.70
N GLY D 23 -11.72 -8.20 -6.74
CA GLY D 23 -10.71 -8.41 -5.74
C GLY D 23 -10.56 -7.27 -4.73
N LEU D 24 -11.68 -6.76 -4.24
CA LEU D 24 -11.68 -5.59 -3.36
C LEU D 24 -12.13 -5.93 -1.95
N VAL D 25 -12.29 -7.22 -1.62
CA VAL D 25 -12.81 -7.59 -0.31
C VAL D 25 -11.83 -7.20 0.79
N GLY D 26 -10.55 -7.54 0.61
CA GLY D 26 -9.57 -7.22 1.64
C GLY D 26 -9.38 -5.73 1.81
N GLU D 27 -9.31 -5.01 0.69
CA GLU D 27 -9.17 -3.56 0.74
C GLU D 27 -10.32 -2.91 1.50
N ILE D 28 -11.55 -3.37 1.26
CA ILE D 28 -12.72 -2.78 1.94
C ILE D 28 -12.68 -3.11 3.42
N ILE D 29 -12.46 -4.38 3.76
CA ILE D 29 -12.39 -4.78 5.15
C ILE D 29 -11.30 -4.01 5.88
N LYS D 30 -10.15 -3.81 5.23
CA LYS D 30 -9.05 -3.08 5.84
C LYS D 30 -9.46 -1.67 6.25
N ARG D 31 -10.25 -0.99 5.41
CA ARG D 31 -10.67 0.36 5.75
C ARG D 31 -11.54 0.38 7.01
N PHE D 32 -12.42 -0.60 7.18
CA PHE D 32 -13.20 -0.66 8.41
C PHE D 32 -12.35 -1.03 9.61
N GLU D 33 -11.37 -1.92 9.42
CA GLU D 33 -10.50 -2.31 10.53
C GLU D 33 -9.65 -1.16 11.02
N GLN D 34 -8.92 -0.50 10.10
CA GLN D 34 -8.05 0.59 10.50
C GLN D 34 -8.82 1.78 11.05
N LYS D 35 -10.09 1.93 10.66
CA LYS D 35 -10.92 2.98 11.23
C LYS D 35 -11.20 2.74 12.71
N GLY D 36 -11.18 1.47 13.14
CA GLY D 36 -11.37 1.12 14.53
C GLY D 36 -12.64 0.38 14.85
N PHE D 37 -13.46 0.06 13.84
CA PHE D 37 -14.71 -0.63 14.06
C PHE D 37 -14.48 -2.12 14.29
N ARG D 38 -15.38 -2.73 15.06
CA ARG D 38 -15.26 -4.13 15.48
C ARG D 38 -16.08 -5.02 14.55
N LEU D 39 -15.42 -6.03 13.98
CA LEU D 39 -16.10 -7.02 13.14
C LEU D 39 -17.00 -7.90 13.99
N VAL D 40 -18.27 -8.00 13.62
CA VAL D 40 -19.26 -8.73 14.39
C VAL D 40 -19.78 -9.94 13.62
N GLY D 41 -20.12 -9.75 12.35
CA GLY D 41 -20.56 -10.86 11.51
C GLY D 41 -19.91 -10.76 10.15
N LEU D 42 -19.61 -11.93 9.58
CA LEU D 42 -18.95 -12.00 8.28
C LEU D 42 -19.32 -13.32 7.63
N LYS D 43 -19.91 -13.26 6.43
CA LYS D 43 -20.25 -14.47 5.70
C LYS D 43 -20.17 -14.17 4.21
N PHE D 44 -20.13 -15.24 3.42
CA PHE D 44 -19.95 -15.20 1.98
C PHE D 44 -21.04 -16.04 1.35
N LEU D 45 -21.91 -15.44 0.54
CA LEU D 45 -23.04 -16.19 0.03
C LEU D 45 -23.51 -15.60 -1.30
N GLN D 46 -24.25 -16.41 -2.04
CA GLN D 46 -24.99 -15.95 -3.21
C GLN D 46 -26.43 -15.69 -2.76
N ALA D 47 -26.80 -14.42 -2.71
CA ALA D 47 -28.10 -14.04 -2.17
C ALA D 47 -29.22 -14.45 -3.13
N SER D 48 -30.25 -15.09 -2.57
CA SER D 48 -31.40 -15.51 -3.36
C SER D 48 -32.20 -14.30 -3.83
N GLU D 49 -32.95 -14.51 -4.91
CA GLU D 49 -33.75 -13.42 -5.49
C GLU D 49 -34.78 -12.91 -4.48
N ASP D 50 -35.35 -13.81 -3.67
CA ASP D 50 -36.32 -13.35 -2.67
C ASP D 50 -35.64 -12.50 -1.61
N LEU D 51 -34.45 -12.90 -1.15
CA LEU D 51 -33.75 -12.14 -0.14
C LEU D 51 -33.42 -10.73 -0.62
N LEU D 52 -33.01 -10.62 -1.89
CA LEU D 52 -32.63 -9.32 -2.45
C LEU D 52 -33.84 -8.41 -2.61
N LYS D 53 -34.98 -8.97 -3.03
CA LYS D 53 -36.19 -8.17 -3.17
C LYS D 53 -36.63 -7.61 -1.83
N GLU D 54 -36.53 -8.41 -0.76
CA GLU D 54 -36.81 -7.88 0.57
C GLU D 54 -35.79 -6.83 0.97
N HIS D 55 -34.51 -7.07 0.64
CA HIS D 55 -33.47 -6.11 1.00
C HIS D 55 -33.71 -4.75 0.35
N TYR D 56 -34.12 -4.74 -0.91
CA TYR D 56 -34.42 -3.53 -1.64
C TYR D 56 -35.93 -3.32 -1.82
N THR D 57 -36.70 -3.53 -0.75
CA THR D 57 -38.15 -3.43 -0.88
C THR D 57 -38.60 -1.98 -1.08
N ASP D 58 -37.86 -1.01 -0.55
CA ASP D 58 -38.24 0.39 -0.71
C ASP D 58 -38.02 0.90 -2.13
N LEU D 59 -37.45 0.09 -3.02
CA LEU D 59 -37.11 0.52 -4.37
C LEU D 59 -37.77 -0.35 -5.42
N LYS D 60 -38.86 -1.04 -5.07
CA LYS D 60 -39.47 -2.00 -5.99
C LYS D 60 -40.13 -1.31 -7.17
N ASP D 61 -40.74 -0.16 -6.95
CA ASP D 61 -41.38 0.58 -8.03
C ASP D 61 -40.39 1.38 -8.86
N ARG D 62 -39.17 1.58 -8.37
CA ARG D 62 -38.16 2.30 -9.12
C ARG D 62 -37.83 1.57 -10.41
N PRO D 63 -37.46 2.29 -11.47
CA PRO D 63 -37.24 1.62 -12.76
C PRO D 63 -36.06 0.66 -12.76
N PHE D 64 -35.07 0.87 -11.90
CA PHE D 64 -33.85 0.07 -11.90
C PHE D 64 -33.92 -1.13 -10.95
N PHE D 65 -35.09 -1.42 -10.39
CA PHE D 65 -35.18 -2.47 -9.38
C PHE D 65 -34.91 -3.85 -9.97
N THR D 66 -35.55 -4.17 -11.10
CA THR D 66 -35.39 -5.50 -11.68
C THR D 66 -33.94 -5.77 -12.05
N GLY D 67 -33.26 -4.79 -12.66
CA GLY D 67 -31.86 -4.96 -12.99
C GLY D 67 -30.97 -4.97 -11.77
N LEU D 68 -31.35 -4.23 -10.72
CA LEU D 68 -30.58 -4.22 -9.48
C LEU D 68 -30.61 -5.59 -8.81
N VAL D 69 -31.79 -6.20 -8.72
CA VAL D 69 -31.92 -7.51 -8.07
C VAL D 69 -31.19 -8.57 -8.87
N LYS D 70 -31.28 -8.52 -10.20
CA LYS D 70 -30.61 -9.50 -11.04
C LYS D 70 -29.09 -9.36 -10.96
N TYR D 71 -28.60 -8.12 -10.86
CA TYR D 71 -27.15 -7.91 -10.78
C TYR D 71 -26.62 -8.33 -9.41
N MET D 72 -27.35 -8.01 -8.34
CA MET D 72 -26.96 -8.46 -7.00
C MET D 72 -27.09 -9.98 -6.85
N HIS D 73 -27.77 -10.65 -7.76
CA HIS D 73 -27.91 -12.10 -7.75
C HIS D 73 -26.94 -12.79 -8.70
N SER D 74 -26.26 -12.03 -9.58
CA SER D 74 -25.38 -12.61 -10.58
C SER D 74 -24.10 -13.18 -10.00
N GLY D 75 -23.76 -12.83 -8.76
CA GLY D 75 -22.58 -13.37 -8.12
C GLY D 75 -22.67 -13.34 -6.61
N PRO D 76 -21.69 -13.96 -5.95
CA PRO D 76 -21.69 -13.98 -4.48
C PRO D 76 -21.40 -12.61 -3.90
N VAL D 77 -21.83 -12.42 -2.66
CA VAL D 77 -21.60 -11.19 -1.94
C VAL D 77 -20.99 -11.52 -0.58
N VAL D 78 -20.26 -10.55 -0.03
CA VAL D 78 -19.74 -10.62 1.32
C VAL D 78 -20.65 -9.79 2.21
N ALA D 79 -21.31 -10.42 3.17
CA ALA D 79 -22.21 -9.76 4.11
C ALA D 79 -21.47 -9.55 5.43
N MET D 80 -21.54 -8.34 5.97
CA MET D 80 -20.76 -7.99 7.15
C MET D 80 -21.59 -7.20 8.14
N VAL D 81 -21.22 -7.30 9.40
CA VAL D 81 -21.74 -6.44 10.46
C VAL D 81 -20.57 -5.83 11.20
N TRP D 82 -20.58 -4.51 11.33
CA TRP D 82 -19.55 -3.77 12.04
C TRP D 82 -20.17 -3.01 13.21
N GLU D 83 -19.41 -2.90 14.30
CA GLU D 83 -19.89 -2.26 15.52
C GLU D 83 -19.00 -1.11 15.92
N GLY D 84 -19.60 -0.03 16.38
CA GLY D 84 -18.86 1.07 16.95
C GLY D 84 -19.66 2.35 16.94
N LEU D 85 -19.11 3.35 17.62
CA LEU D 85 -19.75 4.67 17.71
C LEU D 85 -20.00 5.25 16.33
N ASN D 86 -21.26 5.59 16.05
CA ASN D 86 -21.67 6.23 14.80
C ASN D 86 -21.30 5.41 13.58
N VAL D 87 -21.25 4.09 13.73
CA VAL D 87 -20.78 3.25 12.63
C VAL D 87 -21.72 3.33 11.43
N VAL D 88 -23.01 3.57 11.65
CA VAL D 88 -23.94 3.63 10.52
C VAL D 88 -23.64 4.85 9.67
N LYS D 89 -23.61 6.04 10.29
CA LYS D 89 -23.37 7.26 9.52
C LYS D 89 -21.95 7.30 8.98
N THR D 90 -20.97 6.96 9.82
CA THR D 90 -19.58 6.96 9.37
C THR D 90 -19.36 5.94 8.26
N GLY D 91 -19.98 4.76 8.39
CA GLY D 91 -19.94 3.79 7.31
C GLY D 91 -20.42 4.37 6.00
N ARG D 92 -21.54 5.09 6.02
CA ARG D 92 -22.03 5.73 4.81
C ARG D 92 -21.03 6.75 4.28
N VAL D 93 -20.38 7.49 5.19
CA VAL D 93 -19.35 8.46 4.77
C VAL D 93 -18.19 7.74 4.11
N MET D 94 -17.73 6.63 4.71
CA MET D 94 -16.61 5.89 4.14
C MET D 94 -16.96 5.32 2.78
N LEU D 95 -18.21 4.89 2.60
CA LEU D 95 -18.64 4.32 1.33
C LEU D 95 -18.59 5.34 0.20
N GLY D 96 -19.05 6.54 0.46
CA GLY D 96 -19.27 7.54 -0.56
C GLY D 96 -20.74 7.81 -0.81
N GLU D 97 -21.03 8.31 -2.00
CA GLU D 97 -22.39 8.63 -2.41
C GLU D 97 -22.94 7.50 -3.28
N THR D 98 -24.25 7.55 -3.52
CA THR D 98 -24.91 6.53 -4.32
C THR D 98 -24.31 6.46 -5.72
N ASN D 99 -24.16 7.61 -6.38
CA ASN D 99 -23.49 7.66 -7.66
C ASN D 99 -22.00 7.84 -7.44
N PRO D 100 -21.15 6.91 -7.88
CA PRO D 100 -19.71 7.06 -7.66
C PRO D 100 -19.12 8.33 -8.27
N ALA D 101 -19.80 8.93 -9.25
CA ALA D 101 -19.35 10.20 -9.80
C ALA D 101 -19.38 11.32 -8.77
N ASP D 102 -20.24 11.20 -7.76
CA ASP D 102 -20.32 12.17 -6.68
C ASP D 102 -19.54 11.75 -5.43
N SER D 103 -18.96 10.55 -5.43
CA SER D 103 -18.20 10.09 -4.29
C SER D 103 -16.79 10.67 -4.32
N LYS D 104 -16.36 11.24 -3.19
CA LYS D 104 -15.08 11.93 -3.15
C LYS D 104 -13.92 10.94 -3.16
N PRO D 105 -12.77 11.36 -3.68
CA PRO D 105 -11.55 10.54 -3.52
C PRO D 105 -11.27 10.33 -2.04
N GLY D 106 -10.80 9.11 -1.72
CA GLY D 106 -10.61 8.69 -0.36
C GLY D 106 -11.71 7.78 0.16
N THR D 107 -12.89 7.83 -0.45
CA THR D 107 -14.00 6.94 -0.13
C THR D 107 -13.90 5.66 -0.94
N ILE D 108 -14.64 4.64 -0.50
CA ILE D 108 -14.59 3.34 -1.17
C ILE D 108 -15.11 3.46 -2.60
N ARG D 109 -16.32 4.02 -2.77
CA ARG D 109 -16.84 4.18 -4.12
C ARG D 109 -16.06 5.22 -4.92
N GLY D 110 -15.57 6.27 -4.25
CA GLY D 110 -14.80 7.27 -4.95
C GLY D 110 -13.50 6.74 -5.53
N ASP D 111 -12.84 5.83 -4.80
CA ASP D 111 -11.56 5.30 -5.25
C ASP D 111 -11.69 4.17 -6.25
N PHE D 112 -12.76 3.38 -6.19
CA PHE D 112 -12.74 2.05 -6.82
C PHE D 112 -13.81 1.77 -7.87
N CYS D 113 -14.74 2.69 -8.14
CA CYS D 113 -15.77 2.37 -9.13
C CYS D 113 -16.26 3.65 -9.78
N ILE D 114 -17.11 3.48 -10.80
CA ILE D 114 -17.46 4.56 -11.71
C ILE D 114 -18.97 4.72 -11.85
N GLN D 115 -19.66 3.64 -12.18
CA GLN D 115 -21.06 3.69 -12.54
C GLN D 115 -21.96 3.31 -11.36
N VAL D 116 -23.16 3.90 -11.33
CA VAL D 116 -24.07 3.71 -10.21
C VAL D 116 -24.62 2.29 -10.17
N GLY D 117 -24.77 1.65 -11.32
CA GLY D 117 -25.24 0.27 -11.34
C GLY D 117 -24.20 -0.75 -10.90
N ARG D 118 -22.94 -0.34 -10.76
CA ARG D 118 -21.84 -1.20 -10.33
C ARG D 118 -21.02 -0.42 -9.31
N ASN D 119 -21.59 -0.21 -8.12
CA ASN D 119 -20.96 0.61 -7.09
C ASN D 119 -20.43 -0.24 -5.92
N ILE D 120 -20.06 -1.49 -6.23
CA ILE D 120 -19.26 -2.42 -5.44
C ILE D 120 -19.70 -2.68 -4.00
N ILE D 121 -20.36 -1.73 -3.35
CA ILE D 121 -20.61 -1.86 -1.91
C ILE D 121 -21.99 -1.34 -1.54
N HIS D 122 -22.55 -1.89 -0.45
CA HIS D 122 -23.79 -1.44 0.15
C HIS D 122 -23.58 -1.14 1.63
N GLY D 123 -24.28 -0.13 2.12
CA GLY D 123 -24.27 0.19 3.54
C GLY D 123 -25.63 0.67 4.00
N SER D 124 -25.96 0.36 5.25
CA SER D 124 -27.24 0.79 5.81
C SER D 124 -27.29 2.31 5.97
N ASP D 125 -28.45 2.89 5.68
CA ASP D 125 -28.60 4.34 5.71
C ASP D 125 -28.95 4.87 7.10
N SER D 126 -29.42 4.02 8.00
CA SER D 126 -29.87 4.45 9.31
C SER D 126 -29.84 3.25 10.25
N VAL D 127 -30.01 3.53 11.54
CA VAL D 127 -30.07 2.46 12.53
C VAL D 127 -31.25 1.53 12.26
N LYS D 128 -32.41 2.10 11.89
CA LYS D 128 -33.58 1.27 11.64
C LYS D 128 -33.36 0.35 10.46
N SER D 129 -32.80 0.88 9.36
CA SER D 129 -32.45 0.02 8.24
C SER D 129 -31.38 -0.99 8.64
N ALA D 130 -30.46 -0.61 9.53
CA ALA D 130 -29.39 -1.53 9.92
C ALA D 130 -29.96 -2.74 10.64
N GLU D 131 -30.76 -2.51 11.67
CA GLU D 131 -31.33 -3.62 12.44
C GLU D 131 -32.19 -4.51 11.56
N LYS D 132 -32.84 -3.94 10.54
CA LYS D 132 -33.65 -4.75 9.63
C LYS D 132 -32.77 -5.56 8.69
N GLU D 133 -31.73 -4.92 8.14
CA GLU D 133 -30.82 -5.62 7.24
C GLU D 133 -30.02 -6.69 7.97
N ILE D 134 -29.56 -6.38 9.19
CA ILE D 134 -28.79 -7.36 9.96
C ILE D 134 -29.61 -8.62 10.22
N SER D 135 -30.82 -8.46 10.75
CA SER D 135 -31.64 -9.63 11.02
C SER D 135 -32.08 -10.32 9.74
N LEU D 136 -32.13 -9.61 8.62
CA LEU D 136 -32.49 -10.24 7.35
C LEU D 136 -31.35 -11.12 6.84
N TRP D 137 -30.10 -10.67 6.99
CA TRP D 137 -28.96 -11.39 6.43
C TRP D 137 -28.30 -12.33 7.41
N PHE D 138 -28.41 -12.07 8.71
CA PHE D 138 -27.71 -12.86 9.73
C PHE D 138 -28.70 -13.43 10.73
N GLN D 139 -28.46 -14.66 11.13
CA GLN D 139 -29.12 -15.19 12.31
C GLN D 139 -28.38 -14.71 13.56
N PRO D 140 -29.06 -14.67 14.70
CA PRO D 140 -28.42 -14.13 15.91
C PRO D 140 -27.17 -14.87 16.34
N GLU D 141 -27.11 -16.19 16.12
CA GLU D 141 -25.94 -16.95 16.54
C GLU D 141 -24.72 -16.70 15.66
N GLU D 142 -24.90 -16.13 14.47
CA GLU D 142 -23.78 -15.75 13.61
C GLU D 142 -23.13 -14.44 14.01
N LEU D 143 -23.74 -13.67 14.90
CA LEU D 143 -23.16 -12.41 15.36
C LEU D 143 -22.29 -12.68 16.59
N VAL D 144 -21.00 -12.43 16.47
CA VAL D 144 -20.06 -12.72 17.55
C VAL D 144 -19.91 -11.50 18.45
N GLU D 145 -19.88 -11.72 19.77
CA GLU D 145 -19.62 -10.68 20.75
C GLU D 145 -18.31 -10.99 21.45
N TYR D 146 -17.38 -10.04 21.43
CA TYR D 146 -16.08 -10.14 22.05
C TYR D 146 -15.55 -8.73 22.23
N LYS D 147 -14.48 -8.61 23.01
CA LYS D 147 -13.84 -7.33 23.32
C LYS D 147 -12.65 -7.12 22.41
N SER D 148 -12.84 -6.34 21.35
CA SER D 148 -11.73 -5.99 20.47
C SER D 148 -10.73 -5.14 21.23
N CYS D 149 -9.45 -5.33 20.94
N CYS D 149 -9.45 -5.33 20.90
CA CYS D 149 -8.43 -4.61 21.68
CA CYS D 149 -8.36 -4.63 21.55
C CYS D 149 -8.44 -3.14 21.28
C CYS D 149 -8.35 -3.16 21.14
N ALA D 150 -7.46 -2.40 21.77
CA ALA D 150 -7.40 -0.94 21.64
C ALA D 150 -8.69 -0.38 22.22
N GLN D 151 -9.46 0.39 21.45
CA GLN D 151 -10.75 0.93 21.90
C GLN D 151 -10.69 1.55 23.29
N ASN D 152 -11.28 0.87 24.28
CA ASN D 152 -11.23 1.27 25.68
C ASN D 152 -11.62 2.74 25.89
N MET E 5 9.54 32.32 5.98
CA MET E 5 9.87 32.67 4.59
C MET E 5 8.95 31.95 3.65
N ALA E 6 7.65 32.00 3.95
CA ALA E 6 6.61 31.32 3.18
C ALA E 6 6.87 29.81 3.17
N ASN E 7 7.79 29.37 2.30
CA ASN E 7 8.16 27.96 2.23
C ASN E 7 8.85 27.46 3.49
N SER E 8 9.22 28.35 4.41
CA SER E 8 9.93 27.97 5.62
C SER E 8 9.02 27.89 6.85
N GLU E 9 7.70 27.97 6.68
CA GLU E 9 6.76 27.85 7.78
C GLU E 9 6.86 26.47 8.44
N ARG E 10 6.63 26.44 9.76
CA ARG E 10 6.79 25.23 10.55
C ARG E 10 5.54 24.98 11.39
N THR E 11 5.24 23.69 11.63
CA THR E 11 4.14 23.31 12.50
C THR E 11 4.57 22.19 13.42
N PHE E 12 3.80 22.00 14.49
CA PHE E 12 4.04 20.97 15.49
C PHE E 12 2.93 19.93 15.40
N ILE E 13 3.30 18.69 15.08
CA ILE E 13 2.37 17.55 15.03
C ILE E 13 2.80 16.57 16.10
N ALA E 14 1.84 16.11 16.91
CA ALA E 14 2.13 15.17 17.98
C ALA E 14 1.26 13.93 17.84
N ILE E 15 1.90 12.77 17.85
CA ILE E 15 1.16 11.50 17.83
C ILE E 15 0.89 11.09 19.27
N LYS E 16 -0.39 11.05 19.63
CA LYS E 16 -0.83 10.76 20.98
C LYS E 16 -0.66 9.28 21.29
N PRO E 17 -0.79 8.88 22.56
CA PRO E 17 -0.54 7.46 22.90
C PRO E 17 -1.41 6.47 22.14
N ASP E 18 -2.65 6.82 21.82
CA ASP E 18 -3.48 5.90 21.03
C ASP E 18 -2.90 5.70 19.63
N GLY E 19 -2.31 6.73 19.04
CA GLY E 19 -1.68 6.56 17.74
C GLY E 19 -0.46 5.66 17.81
N VAL E 20 0.34 5.82 18.86
CA VAL E 20 1.51 4.96 19.03
C VAL E 20 1.08 3.51 19.30
N GLN E 21 0.17 3.33 20.25
CA GLN E 21 -0.22 1.98 20.65
C GLN E 21 -0.95 1.24 19.54
N ARG E 22 -1.59 1.94 18.61
CA ARG E 22 -2.22 1.30 17.47
C ARG E 22 -1.30 1.16 16.26
N GLY E 23 -0.01 1.47 16.42
CA GLY E 23 0.95 1.26 15.36
C GLY E 23 0.80 2.15 14.15
N LEU E 24 0.46 3.42 14.36
CA LEU E 24 0.21 4.34 13.25
C LEU E 24 1.33 5.35 13.04
N VAL E 25 2.46 5.21 13.74
CA VAL E 25 3.52 6.23 13.66
C VAL E 25 4.04 6.35 12.24
N GLY E 26 4.42 5.22 11.63
CA GLY E 26 5.01 5.27 10.30
C GLY E 26 4.01 5.72 9.26
N GLU E 27 2.77 5.26 9.38
CA GLU E 27 1.71 5.68 8.48
C GLU E 27 1.50 7.19 8.52
N ILE E 28 1.59 7.79 9.71
CA ILE E 28 1.36 9.21 9.84
C ILE E 28 2.51 10.01 9.27
N ILE E 29 3.74 9.60 9.60
CA ILE E 29 4.92 10.27 9.06
C ILE E 29 4.95 10.17 7.54
N LYS E 30 4.55 9.01 7.00
CA LYS E 30 4.52 8.80 5.56
C LYS E 30 3.63 9.82 4.84
N ARG E 31 2.47 10.13 5.43
CA ARG E 31 1.58 11.09 4.78
C ARG E 31 2.23 12.46 4.66
N PHE E 32 3.09 12.83 5.61
CA PHE E 32 3.77 14.11 5.51
C PHE E 32 4.97 14.05 4.56
N GLU E 33 5.68 12.92 4.52
CA GLU E 33 6.80 12.78 3.59
C GLU E 33 6.31 12.78 2.15
N GLN E 34 5.30 11.97 1.84
CA GLN E 34 4.81 11.88 0.47
C GLN E 34 4.20 13.19 0.01
N LYS E 35 3.71 14.02 0.95
CA LYS E 35 3.17 15.32 0.62
C LYS E 35 4.26 16.29 0.21
N GLY E 36 5.45 16.16 0.79
CA GLY E 36 6.59 17.00 0.44
C GLY E 36 7.07 17.87 1.57
N PHE E 37 6.48 17.82 2.76
CA PHE E 37 6.99 18.61 3.85
C PHE E 37 8.29 18.02 4.36
N ARG E 38 9.12 18.86 4.95
CA ARG E 38 10.44 18.44 5.40
C ARG E 38 10.41 18.19 6.90
N LEU E 39 10.90 17.01 7.30
CA LEU E 39 10.99 16.68 8.72
C LEU E 39 12.11 17.50 9.35
N VAL E 40 11.77 18.24 10.41
CA VAL E 40 12.72 19.10 11.09
C VAL E 40 13.06 18.56 12.49
N GLY E 41 12.06 18.09 13.22
CA GLY E 41 12.30 17.49 14.52
C GLY E 41 11.44 16.26 14.71
N LEU E 42 11.96 15.30 15.49
CA LEU E 42 11.27 14.05 15.75
C LEU E 42 11.82 13.44 17.03
N LYS E 43 10.99 13.31 18.05
CA LYS E 43 11.42 12.76 19.33
C LYS E 43 10.30 11.94 19.96
N PHE E 44 10.67 11.17 20.97
CA PHE E 44 9.82 10.15 21.58
C PHE E 44 9.98 10.25 23.08
N LEU E 45 8.87 10.44 23.79
CA LEU E 45 8.98 10.67 25.23
C LEU E 45 7.62 10.48 25.88
N GLN E 46 7.65 10.11 27.16
CA GLN E 46 6.48 10.19 28.01
C GLN E 46 6.47 11.56 28.68
N ALA E 47 5.42 12.32 28.45
CA ALA E 47 5.37 13.72 28.86
C ALA E 47 4.80 13.88 30.26
N SER E 48 5.42 14.74 31.05
CA SER E 48 4.96 15.10 32.38
C SER E 48 4.79 16.60 32.48
N GLU E 49 3.92 17.03 33.40
CA GLU E 49 3.58 18.44 33.59
C GLU E 49 3.12 19.07 32.29
N ASP E 50 2.20 18.38 31.61
CA ASP E 50 1.61 18.79 30.34
C ASP E 50 0.71 20.00 30.48
N LEU E 51 0.66 20.62 31.66
CA LEU E 51 -0.20 21.78 31.91
C LEU E 51 0.17 22.98 31.07
N LEU E 52 1.36 22.98 30.45
CA LEU E 52 1.77 24.07 29.55
C LEU E 52 1.28 23.83 28.12
N LYS E 53 1.33 22.59 27.65
CA LYS E 53 0.82 22.27 26.32
C LYS E 53 -0.67 22.57 26.20
N GLU E 54 -1.43 22.23 27.23
CA GLU E 54 -2.86 22.54 27.31
C GLU E 54 -3.09 23.80 28.12
N HIS E 55 -4.33 24.25 28.12
CA HIS E 55 -4.74 25.41 28.93
C HIS E 55 -6.25 25.43 29.14
N VAL E 69 -4.78 15.70 30.24
CA VAL E 69 -3.43 15.78 30.81
C VAL E 69 -3.00 14.38 31.27
N LYS E 70 -3.96 13.62 31.78
CA LYS E 70 -3.67 12.26 32.24
C LYS E 70 -3.49 11.30 31.07
N TYR E 71 -4.31 11.44 30.03
CA TYR E 71 -4.19 10.57 28.86
C TYR E 71 -2.85 10.79 28.14
N MET E 72 -2.43 12.05 28.00
CA MET E 72 -1.13 12.34 27.41
C MET E 72 0.02 11.90 28.29
N HIS E 73 -0.21 11.73 29.59
CA HIS E 73 0.80 11.24 30.51
C HIS E 73 0.75 9.73 30.68
N SER E 74 -0.35 9.08 30.30
CA SER E 74 -0.48 7.64 30.47
C SER E 74 0.49 6.87 29.59
N GLY E 75 0.96 7.46 28.50
CA GLY E 75 1.84 6.75 27.58
C GLY E 75 2.73 7.66 26.76
N PRO E 76 3.21 7.14 25.64
CA PRO E 76 4.22 7.84 24.84
C PRO E 76 3.61 8.79 23.83
N VAL E 77 4.40 9.79 23.46
CA VAL E 77 4.01 10.77 22.45
C VAL E 77 5.16 10.90 21.46
N VAL E 78 4.84 10.87 20.17
CA VAL E 78 5.81 11.16 19.13
C VAL E 78 5.60 12.63 18.75
N ALA E 79 6.60 13.46 19.03
CA ALA E 79 6.53 14.89 18.74
C ALA E 79 7.32 15.17 17.47
N MET E 80 6.72 15.92 16.56
CA MET E 80 7.33 16.22 15.27
C MET E 80 7.25 17.70 14.98
N VAL E 81 8.16 18.15 14.11
CA VAL E 81 8.15 19.48 13.52
C VAL E 81 8.32 19.32 12.02
N TRP E 82 7.33 19.77 11.26
CA TRP E 82 7.37 19.72 9.80
C TRP E 82 7.45 21.12 9.22
N GLU E 83 8.11 21.24 8.08
CA GLU E 83 8.35 22.54 7.46
C GLU E 83 7.84 22.55 6.03
N GLY E 84 7.28 23.66 5.62
CA GLY E 84 6.84 23.83 4.24
C GLY E 84 5.83 24.93 4.11
N LEU E 85 5.49 25.22 2.85
CA LEU E 85 4.53 26.26 2.54
C LEU E 85 3.17 25.90 3.10
N ASN E 86 2.61 26.79 3.94
CA ASN E 86 1.29 26.62 4.54
C ASN E 86 1.18 25.32 5.33
N VAL E 87 2.28 24.92 5.98
CA VAL E 87 2.29 23.62 6.65
C VAL E 87 1.31 23.61 7.82
N VAL E 88 1.09 24.76 8.47
CA VAL E 88 0.14 24.78 9.59
C VAL E 88 -1.27 24.55 9.08
N LYS E 89 -1.69 25.31 8.07
CA LYS E 89 -3.05 25.19 7.54
C LYS E 89 -3.25 23.85 6.83
N THR E 90 -2.30 23.47 5.98
CA THR E 90 -2.44 22.21 5.26
C THR E 90 -2.29 21.01 6.19
N GLY E 91 -1.41 21.11 7.19
CA GLY E 91 -1.29 20.04 8.17
C GLY E 91 -2.61 19.76 8.90
N ARG E 92 -3.35 20.81 9.26
CA ARG E 92 -4.67 20.61 9.86
C ARG E 92 -5.66 20.03 8.85
N VAL E 93 -5.52 20.38 7.58
CA VAL E 93 -6.34 19.75 6.54
C VAL E 93 -6.05 18.25 6.47
N MET E 94 -4.77 17.89 6.53
CA MET E 94 -4.38 16.48 6.41
C MET E 94 -4.80 15.68 7.62
N LEU E 95 -4.79 16.29 8.81
CA LEU E 95 -5.26 15.59 10.01
C LEU E 95 -6.75 15.31 9.94
N GLY E 96 -7.54 16.27 9.50
CA GLY E 96 -8.99 16.17 9.56
C GLY E 96 -9.57 16.98 10.71
N GLU E 97 -10.89 17.09 10.70
CA GLU E 97 -11.61 17.87 11.71
C GLU E 97 -11.37 17.30 13.11
N THR E 98 -11.51 18.18 14.11
CA THR E 98 -11.22 17.79 15.49
C THR E 98 -12.11 16.65 15.96
N ASN E 99 -13.39 16.66 15.56
CA ASN E 99 -14.22 15.49 15.79
C ASN E 99 -13.99 14.48 14.66
N PRO E 100 -13.76 13.20 14.98
CA PRO E 100 -13.57 12.21 13.91
C PRO E 100 -14.86 11.89 13.16
N ALA E 101 -16.00 12.41 13.60
CA ALA E 101 -17.29 12.13 12.95
C ALA E 101 -17.54 13.00 11.72
N ASP E 102 -16.88 14.16 11.63
CA ASP E 102 -16.96 14.99 10.43
C ASP E 102 -15.65 14.97 9.64
N SER E 103 -14.66 14.21 10.08
CA SER E 103 -13.40 14.10 9.34
C SER E 103 -13.60 13.24 8.10
N LYS E 104 -13.08 13.73 6.99
CA LYS E 104 -13.35 13.05 5.73
C LYS E 104 -12.39 11.89 5.50
N PRO E 105 -12.83 10.84 4.82
CA PRO E 105 -11.89 9.80 4.36
C PRO E 105 -10.78 10.44 3.55
N GLY E 106 -9.57 9.89 3.71
CA GLY E 106 -8.38 10.48 3.15
C GLY E 106 -7.56 11.30 4.13
N THR E 107 -8.19 11.81 5.18
CA THR E 107 -7.49 12.49 6.26
C THR E 107 -7.04 11.48 7.31
N ILE E 108 -6.10 11.90 8.15
CA ILE E 108 -5.57 11.01 9.19
C ILE E 108 -6.69 10.60 10.15
N ARG E 109 -7.43 11.58 10.69
CA ARG E 109 -8.52 11.23 11.59
C ARG E 109 -9.67 10.56 10.84
N GLY E 110 -9.92 10.96 9.60
CA GLY E 110 -10.96 10.31 8.83
C GLY E 110 -10.70 8.83 8.60
N ASP E 111 -9.43 8.45 8.50
CA ASP E 111 -9.06 7.07 8.20
C ASP E 111 -8.92 6.19 9.43
N PHE E 112 -8.50 6.76 10.56
CA PHE E 112 -8.04 5.96 11.70
C PHE E 112 -8.73 6.26 13.02
N CYS E 113 -9.47 7.35 13.15
CA CYS E 113 -9.94 7.83 14.45
C CYS E 113 -11.46 7.67 14.55
N ILE E 114 -11.94 7.42 15.77
CA ILE E 114 -13.36 7.17 16.03
C ILE E 114 -13.99 8.30 16.83
N GLN E 115 -13.51 8.56 18.04
CA GLN E 115 -14.13 9.52 18.93
C GLN E 115 -13.14 10.61 19.33
N VAL E 116 -13.69 11.68 19.92
CA VAL E 116 -12.91 12.89 20.18
C VAL E 116 -11.99 12.70 21.37
N GLY E 117 -12.45 11.99 22.40
CA GLY E 117 -11.66 11.84 23.61
C GLY E 117 -10.37 11.06 23.37
N ARG E 118 -10.49 9.90 22.74
CA ARG E 118 -9.33 9.06 22.43
C ARG E 118 -8.77 9.44 21.05
N ASN E 119 -8.25 10.67 20.98
CA ASN E 119 -7.68 11.19 19.75
C ASN E 119 -6.28 10.64 19.53
N ILE E 120 -5.91 10.47 18.27
CA ILE E 120 -4.61 9.89 17.95
C ILE E 120 -3.54 10.94 17.65
N ILE E 121 -3.93 12.18 17.33
CA ILE E 121 -2.98 13.13 16.77
C ILE E 121 -3.39 14.54 17.17
N HIS E 122 -2.38 15.39 17.34
CA HIS E 122 -2.56 16.82 17.55
C HIS E 122 -1.80 17.58 16.47
N GLY E 123 -2.35 18.70 16.03
CA GLY E 123 -1.67 19.59 15.11
C GLY E 123 -1.90 21.03 15.50
N SER E 124 -0.90 21.87 15.23
CA SER E 124 -0.95 23.27 15.62
C SER E 124 -2.12 23.99 14.97
N ASP E 125 -2.83 24.80 15.77
CA ASP E 125 -3.98 25.55 15.29
C ASP E 125 -3.56 26.70 14.37
N SER E 126 -2.43 27.35 14.67
CA SER E 126 -2.01 28.52 13.93
C SER E 126 -0.50 28.63 13.96
N VAL E 127 0.04 29.58 13.19
CA VAL E 127 1.48 29.82 13.21
C VAL E 127 1.93 30.26 14.59
N LYS E 128 1.16 31.15 15.23
CA LYS E 128 1.48 31.59 16.59
C LYS E 128 1.49 30.42 17.57
N SER E 129 0.48 29.55 17.50
CA SER E 129 0.46 28.38 18.37
C SER E 129 1.60 27.43 18.03
N ALA E 130 1.92 27.28 16.74
CA ALA E 130 3.02 26.40 16.35
C ALA E 130 4.34 26.87 16.92
N GLU E 131 4.61 28.17 16.82
CA GLU E 131 5.84 28.72 17.39
C GLU E 131 5.93 28.47 18.89
N LYS E 132 4.81 28.59 19.60
CA LYS E 132 4.82 28.33 21.03
C LYS E 132 5.06 26.86 21.34
N GLU E 133 4.32 25.97 20.65
CA GLU E 133 4.46 24.55 20.94
C GLU E 133 5.84 24.03 20.57
N ILE E 134 6.41 24.50 19.45
CA ILE E 134 7.76 24.07 19.07
C ILE E 134 8.76 24.45 20.14
N SER E 135 8.68 25.70 20.64
CA SER E 135 9.64 26.16 21.63
C SER E 135 9.50 25.42 22.95
N LEU E 136 8.27 25.00 23.28
CA LEU E 136 8.05 24.25 24.51
C LEU E 136 8.57 22.81 24.41
N TRP E 137 8.37 22.16 23.27
CA TRP E 137 8.66 20.73 23.16
C TRP E 137 10.06 20.44 22.63
N PHE E 138 10.66 21.35 21.89
CA PHE E 138 11.94 21.11 21.24
C PHE E 138 12.97 22.13 21.69
N GLN E 139 14.16 21.64 21.99
CA GLN E 139 15.30 22.54 22.12
C GLN E 139 15.80 22.91 20.72
N PRO E 140 16.39 24.09 20.55
CA PRO E 140 16.89 24.48 19.23
C PRO E 140 17.88 23.48 18.63
N GLU E 141 18.68 22.82 19.46
CA GLU E 141 19.63 21.83 18.96
C GLU E 141 18.94 20.62 18.35
N GLU E 142 17.65 20.41 18.64
CA GLU E 142 16.93 19.26 18.12
C GLU E 142 16.25 19.54 16.80
N LEU E 143 16.28 20.77 16.30
CA LEU E 143 15.66 21.12 15.04
C LEU E 143 16.75 21.14 13.97
N VAL E 144 16.74 20.15 13.09
CA VAL E 144 17.80 19.92 12.13
C VAL E 144 17.49 20.67 10.83
N GLU E 145 18.50 21.37 10.32
CA GLU E 145 18.39 22.09 9.05
CA GLU E 145 18.42 22.10 9.06
C GLU E 145 19.18 21.32 8.00
N TYR E 146 18.52 20.94 6.91
CA TYR E 146 19.18 20.23 5.82
C TYR E 146 18.43 20.53 4.54
N LYS E 147 19.16 20.49 3.43
CA LYS E 147 18.59 20.71 2.11
C LYS E 147 18.21 19.36 1.51
N SER E 148 16.92 19.10 1.38
CA SER E 148 16.51 17.85 0.74
C SER E 148 16.58 17.99 -0.77
N CYS E 149 16.72 16.85 -1.44
N CYS E 149 16.71 16.84 -1.44
CA CYS E 149 16.92 16.88 -2.89
CA CYS E 149 16.93 16.83 -2.88
C CYS E 149 15.65 17.30 -3.60
C CYS E 149 15.69 17.22 -3.66
N ALA E 150 14.53 16.67 -3.29
CA ALA E 150 13.30 16.91 -4.02
C ALA E 150 12.64 18.25 -3.71
N GLN E 151 13.27 19.10 -2.88
CA GLN E 151 12.65 20.37 -2.55
C GLN E 151 12.67 21.36 -3.72
N ASN E 152 13.57 21.18 -4.68
CA ASN E 152 13.51 22.02 -5.87
C ASN E 152 12.50 21.51 -6.88
N TRP E 153 12.03 20.27 -6.74
CA TRP E 153 10.87 19.79 -7.48
C TRP E 153 9.55 20.03 -6.75
N ILE E 154 9.61 20.43 -5.49
CA ILE E 154 8.40 20.81 -4.76
C ILE E 154 8.12 22.30 -4.89
N TYR E 155 9.16 23.12 -4.89
CA TYR E 155 9.00 24.56 -4.85
C TYR E 155 9.55 25.21 -6.12
N GLU E 156 8.99 26.38 -6.44
CA GLU E 156 9.34 27.12 -7.65
C GLU E 156 10.35 28.22 -7.32
N MET F 5 -20.34 6.07 -27.74
CA MET F 5 -21.04 5.73 -26.51
C MET F 5 -20.47 6.55 -25.34
N ALA F 6 -21.26 6.67 -24.26
CA ALA F 6 -20.83 7.43 -23.10
C ALA F 6 -19.65 6.77 -22.40
N ASN F 7 -19.58 5.44 -22.43
CA ASN F 7 -18.48 4.71 -21.82
C ASN F 7 -17.22 4.69 -22.69
N SER F 8 -17.13 5.61 -23.65
CA SER F 8 -15.96 5.72 -24.51
C SER F 8 -15.32 7.10 -24.43
N GLU F 9 -15.76 7.95 -23.51
CA GLU F 9 -15.11 9.24 -23.30
C GLU F 9 -13.64 9.02 -22.95
N ARG F 10 -12.80 9.95 -23.39
CA ARG F 10 -11.36 9.87 -23.17
C ARG F 10 -10.86 11.21 -22.63
N THR F 11 -9.80 11.15 -21.83
CA THR F 11 -9.17 12.34 -21.27
C THR F 11 -7.65 12.19 -21.39
N PHE F 12 -6.96 13.32 -21.24
CA PHE F 12 -5.51 13.36 -21.32
C PHE F 12 -4.95 13.68 -19.94
N ILE F 13 -4.11 12.78 -19.43
CA ILE F 13 -3.41 12.97 -18.17
C ILE F 13 -1.92 12.97 -18.47
N ALA F 14 -1.20 13.90 -17.84
CA ALA F 14 0.25 14.00 -18.01
C ALA F 14 0.89 14.12 -16.65
N ILE F 15 1.83 13.24 -16.33
CA ILE F 15 2.62 13.36 -15.12
C ILE F 15 3.77 14.33 -15.42
N LYS F 16 3.78 15.45 -14.70
CA LYS F 16 4.72 16.52 -14.96
C LYS F 16 6.12 16.11 -14.51
N PRO F 17 7.17 16.86 -14.89
CA PRO F 17 8.54 16.42 -14.58
C PRO F 17 8.80 16.23 -13.09
N ASP F 18 8.15 17.03 -12.23
CA ASP F 18 8.35 16.86 -10.79
C ASP F 18 7.73 15.56 -10.28
N GLY F 19 6.62 15.12 -10.89
CA GLY F 19 6.03 13.86 -10.50
C GLY F 19 6.84 12.66 -10.92
N VAL F 20 7.51 12.75 -12.08
CA VAL F 20 8.42 11.68 -12.51
C VAL F 20 9.66 11.67 -11.63
N GLN F 21 10.24 12.84 -11.36
CA GLN F 21 11.47 12.92 -10.58
C GLN F 21 11.29 12.45 -9.16
N ARG F 22 10.08 12.57 -8.62
CA ARG F 22 9.81 12.19 -7.23
C ARG F 22 9.27 10.76 -7.12
N GLY F 23 9.28 9.99 -8.20
CA GLY F 23 8.91 8.59 -8.15
C GLY F 23 7.44 8.32 -7.95
N LEU F 24 6.57 9.14 -8.55
CA LEU F 24 5.13 9.04 -8.35
C LEU F 24 4.40 8.45 -9.55
N VAL F 25 5.13 7.94 -10.54
CA VAL F 25 4.48 7.43 -11.74
C VAL F 25 3.57 6.25 -11.41
N GLY F 26 4.11 5.27 -10.68
CA GLY F 26 3.30 4.11 -10.32
C GLY F 26 2.09 4.46 -9.48
N GLU F 27 2.28 5.29 -8.45
CA GLU F 27 1.18 5.72 -7.58
C GLU F 27 0.07 6.37 -8.39
N ILE F 28 0.42 7.25 -9.32
CA ILE F 28 -0.58 7.97 -10.09
C ILE F 28 -1.36 7.03 -10.98
N ILE F 29 -0.65 6.21 -11.76
CA ILE F 29 -1.27 5.22 -12.64
C ILE F 29 -2.19 4.29 -11.86
N LYS F 30 -1.76 3.88 -10.67
CA LYS F 30 -2.54 2.94 -9.87
C LYS F 30 -3.90 3.51 -9.51
N ARG F 31 -3.98 4.82 -9.27
CA ARG F 31 -5.26 5.42 -8.91
C ARG F 31 -6.26 5.32 -10.05
N PHE F 32 -5.81 5.50 -11.29
CA PHE F 32 -6.71 5.37 -12.44
C PHE F 32 -7.06 3.92 -12.74
N GLU F 33 -6.11 2.99 -12.50
CA GLU F 33 -6.41 1.59 -12.70
C GLU F 33 -7.45 1.09 -11.69
N GLN F 34 -7.24 1.40 -10.41
CA GLN F 34 -8.14 0.87 -9.39
C GLN F 34 -9.51 1.54 -9.44
N LYS F 35 -9.59 2.73 -10.02
CA LYS F 35 -10.89 3.39 -10.21
C LYS F 35 -11.74 2.67 -11.24
N GLY F 36 -11.11 1.99 -12.20
CA GLY F 36 -11.82 1.27 -13.24
C GLY F 36 -11.67 1.83 -14.63
N PHE F 37 -10.93 2.91 -14.81
CA PHE F 37 -10.71 3.48 -16.13
C PHE F 37 -9.73 2.61 -16.92
N ARG F 38 -9.84 2.69 -18.25
CA ARG F 38 -9.05 1.86 -19.15
C ARG F 38 -7.91 2.68 -19.74
N LEU F 39 -6.69 2.16 -19.64
CA LEU F 39 -5.53 2.82 -20.22
C LEU F 39 -5.52 2.64 -21.73
N VAL F 40 -5.48 3.76 -22.46
CA VAL F 40 -5.54 3.77 -23.92
C VAL F 40 -4.19 4.14 -24.52
N GLY F 41 -3.58 5.19 -24.01
CA GLY F 41 -2.29 5.63 -24.50
C GLY F 41 -1.33 5.88 -23.34
N LEU F 42 -0.05 5.63 -23.60
CA LEU F 42 0.98 5.82 -22.59
C LEU F 42 2.31 6.02 -23.29
N LYS F 43 2.98 7.14 -23.03
CA LYS F 43 4.30 7.40 -23.59
C LYS F 43 5.11 8.23 -22.61
N PHE F 44 6.41 8.30 -22.87
CA PHE F 44 7.39 8.93 -21.98
C PHE F 44 8.31 9.73 -22.86
N LEU F 45 8.37 11.04 -22.64
CA LEU F 45 9.13 11.90 -23.53
C LEU F 45 9.48 13.19 -22.82
N GLN F 46 10.48 13.89 -23.37
CA GLN F 46 10.80 15.24 -22.96
C GLN F 46 10.16 16.18 -23.97
N ALA F 47 9.06 16.80 -23.55
CA ALA F 47 8.27 17.62 -24.48
C ALA F 47 9.05 18.86 -24.91
N SER F 48 8.96 19.17 -26.20
CA SER F 48 9.60 20.36 -26.72
C SER F 48 8.83 21.61 -26.31
N GLU F 49 9.53 22.75 -26.33
CA GLU F 49 8.89 24.01 -25.98
C GLU F 49 7.71 24.31 -26.87
N ASP F 50 7.82 24.00 -28.17
CA ASP F 50 6.71 24.25 -29.09
C ASP F 50 5.49 23.42 -28.71
N LEU F 51 5.70 22.16 -28.35
CA LEU F 51 4.58 21.30 -27.94
C LEU F 51 3.91 21.86 -26.68
N LEU F 52 4.70 22.32 -25.71
CA LEU F 52 4.14 22.79 -24.45
C LEU F 52 3.35 24.08 -24.65
N LYS F 53 3.87 25.02 -25.43
CA LYS F 53 3.17 26.28 -25.66
C LYS F 53 1.86 26.07 -26.39
N GLU F 54 1.79 25.09 -27.30
CA GLU F 54 0.52 24.75 -27.92
C GLU F 54 -0.41 24.07 -26.91
N HIS F 55 0.15 23.22 -26.04
CA HIS F 55 -0.65 22.59 -25.00
C HIS F 55 -1.29 23.64 -24.09
N TYR F 56 -0.52 24.64 -23.68
CA TYR F 56 -0.96 25.71 -22.79
C TYR F 56 -1.26 27.00 -23.54
N THR F 57 -1.86 26.89 -24.74
CA THR F 57 -2.03 28.07 -25.58
C THR F 57 -3.04 29.04 -25.00
N ASP F 58 -4.00 28.56 -24.19
CA ASP F 58 -4.96 29.46 -23.58
C ASP F 58 -4.37 30.27 -22.44
N LEU F 59 -3.12 30.01 -22.07
CA LEU F 59 -2.44 30.70 -20.98
C LEU F 59 -1.27 31.56 -21.47
N LYS F 60 -1.23 31.85 -22.78
CA LYS F 60 -0.10 32.58 -23.35
C LYS F 60 0.14 33.92 -22.68
N ASP F 61 -0.93 34.59 -22.23
CA ASP F 61 -0.81 35.94 -21.69
C ASP F 61 -0.78 35.96 -20.15
N ARG F 62 -0.64 34.79 -19.51
CA ARG F 62 -0.47 34.77 -18.07
C ARG F 62 0.99 35.06 -17.71
N PRO F 63 1.22 35.76 -16.58
CA PRO F 63 2.61 36.04 -16.17
C PRO F 63 3.43 34.81 -15.84
N PHE F 64 2.78 33.68 -15.51
CA PHE F 64 3.49 32.45 -15.19
C PHE F 64 3.68 31.55 -16.41
N PHE F 65 3.33 32.01 -17.61
CA PHE F 65 3.36 31.14 -18.78
C PHE F 65 4.78 30.73 -19.14
N THR F 66 5.72 31.68 -19.16
CA THR F 66 7.10 31.36 -19.51
C THR F 66 7.70 30.40 -18.49
N GLY F 67 7.49 30.67 -17.20
CA GLY F 67 7.97 29.75 -16.18
C GLY F 67 7.33 28.39 -16.27
N LEU F 68 6.05 28.33 -16.64
CA LEU F 68 5.36 27.06 -16.79
C LEU F 68 6.01 26.22 -17.89
N VAL F 69 6.21 26.81 -19.08
CA VAL F 69 6.78 26.07 -20.20
C VAL F 69 8.22 25.64 -19.87
N LYS F 70 9.01 26.51 -19.25
CA LYS F 70 10.38 26.16 -18.92
C LYS F 70 10.43 24.99 -17.94
N TYR F 71 9.52 24.97 -16.96
CA TYR F 71 9.52 23.88 -15.99
C TYR F 71 8.98 22.59 -16.60
N MET F 72 7.96 22.68 -17.45
CA MET F 72 7.45 21.51 -18.17
C MET F 72 8.48 20.96 -19.14
N HIS F 73 9.44 21.75 -19.56
CA HIS F 73 10.50 21.33 -20.47
C HIS F 73 11.76 20.89 -19.74
N SER F 74 11.84 21.13 -18.42
CA SER F 74 13.06 20.84 -17.67
C SER F 74 13.32 19.35 -17.47
N GLY F 75 12.36 18.50 -17.80
CA GLY F 75 12.52 17.08 -17.64
C GLY F 75 11.45 16.29 -18.37
N PRO F 76 11.57 14.97 -18.35
CA PRO F 76 10.61 14.13 -19.04
C PRO F 76 9.26 14.11 -18.34
N VAL F 77 8.22 13.87 -19.15
CA VAL F 77 6.86 13.75 -18.66
C VAL F 77 6.30 12.41 -19.12
N VAL F 78 5.28 11.94 -18.41
CA VAL F 78 4.52 10.77 -18.80
C VAL F 78 3.19 11.25 -19.35
N ALA F 79 2.92 10.95 -20.62
CA ALA F 79 1.69 11.35 -21.28
C ALA F 79 0.77 10.13 -21.42
N MET F 80 -0.49 10.29 -21.02
CA MET F 80 -1.40 9.16 -20.97
C MET F 80 -2.77 9.55 -21.49
N VAL F 81 -3.51 8.54 -21.95
CA VAL F 81 -4.92 8.68 -22.30
C VAL F 81 -5.70 7.62 -21.54
N TRP F 82 -6.75 8.05 -20.81
CA TRP F 82 -7.62 7.18 -20.05
C TRP F 82 -9.06 7.28 -20.56
N GLU F 83 -9.74 6.15 -20.63
CA GLU F 83 -11.09 6.07 -21.18
C GLU F 83 -12.07 5.58 -20.13
N GLY F 84 -13.26 6.16 -20.13
CA GLY F 84 -14.32 5.69 -19.25
C GLY F 84 -15.42 6.72 -19.11
N LEU F 85 -16.52 6.26 -18.50
CA LEU F 85 -17.67 7.12 -18.28
C LEU F 85 -17.29 8.33 -17.45
N ASN F 86 -17.47 9.52 -18.01
CA ASN F 86 -17.20 10.79 -17.35
C ASN F 86 -15.74 10.93 -16.92
N VAL F 87 -14.83 10.30 -17.68
CA VAL F 87 -13.44 10.24 -17.25
C VAL F 87 -12.82 11.63 -17.15
N VAL F 88 -13.30 12.59 -17.95
CA VAL F 88 -12.69 13.92 -17.95
C VAL F 88 -12.93 14.62 -16.61
N LYS F 89 -14.20 14.77 -16.24
CA LYS F 89 -14.52 15.48 -14.99
C LYS F 89 -14.12 14.65 -13.78
N THR F 90 -14.34 13.33 -13.83
CA THR F 90 -13.89 12.48 -12.73
C THR F 90 -12.37 12.51 -12.60
N GLY F 91 -11.65 12.56 -13.73
CA GLY F 91 -10.21 12.73 -13.66
C GLY F 91 -9.80 14.01 -12.95
N ARG F 92 -10.54 15.10 -13.19
CA ARG F 92 -10.23 16.36 -12.53
C ARG F 92 -10.43 16.26 -11.03
N VAL F 93 -11.50 15.58 -10.60
CA VAL F 93 -11.74 15.38 -9.18
C VAL F 93 -10.62 14.56 -8.55
N MET F 94 -10.17 13.50 -9.23
CA MET F 94 -9.09 12.67 -8.69
C MET F 94 -7.79 13.46 -8.58
N LEU F 95 -7.58 14.41 -9.49
CA LEU F 95 -6.37 15.23 -9.43
C LEU F 95 -6.44 16.22 -8.27
N GLY F 96 -7.61 16.79 -8.04
CA GLY F 96 -7.76 17.83 -7.03
C GLY F 96 -8.01 19.18 -7.67
N GLU F 97 -7.51 20.24 -7.04
CA GLU F 97 -7.67 21.59 -7.53
C GLU F 97 -6.35 22.08 -8.13
N THR F 98 -6.43 23.22 -8.82
CA THR F 98 -5.24 23.84 -9.41
C THR F 98 -4.17 24.08 -8.34
N ASN F 99 -4.53 24.78 -7.29
CA ASN F 99 -3.64 24.96 -6.15
C ASN F 99 -3.72 23.73 -5.26
N PRO F 100 -2.61 23.03 -5.03
CA PRO F 100 -2.65 21.85 -4.15
C PRO F 100 -3.10 22.16 -2.73
N ALA F 101 -2.96 23.41 -2.28
CA ALA F 101 -3.47 23.81 -0.98
C ALA F 101 -5.00 23.79 -0.93
N ASP F 102 -5.67 23.82 -2.08
CA ASP F 102 -7.11 23.64 -2.14
C ASP F 102 -7.50 22.20 -2.45
N SER F 103 -6.54 21.35 -2.82
CA SER F 103 -6.81 19.94 -3.08
C SER F 103 -6.97 19.20 -1.76
N LYS F 104 -8.03 18.42 -1.65
CA LYS F 104 -8.31 17.73 -0.41
C LYS F 104 -7.52 16.42 -0.31
N PRO F 105 -7.24 15.95 0.90
CA PRO F 105 -6.62 14.64 1.04
C PRO F 105 -7.44 13.57 0.32
N GLY F 106 -6.73 12.62 -0.30
CA GLY F 106 -7.32 11.62 -1.14
C GLY F 106 -7.17 11.90 -2.63
N THR F 107 -7.03 13.17 -3.01
CA THR F 107 -6.71 13.51 -4.38
C THR F 107 -5.20 13.40 -4.60
N ILE F 108 -4.82 13.28 -5.87
CA ILE F 108 -3.41 13.13 -6.23
C ILE F 108 -2.62 14.34 -5.77
N ARG F 109 -3.07 15.55 -6.12
CA ARG F 109 -2.33 16.74 -5.72
C ARG F 109 -2.44 16.99 -4.22
N GLY F 110 -3.59 16.69 -3.62
CA GLY F 110 -3.72 16.86 -2.18
C GLY F 110 -2.78 15.97 -1.38
N ASP F 111 -2.54 14.76 -1.86
CA ASP F 111 -1.67 13.82 -1.14
C ASP F 111 -0.18 14.04 -1.42
N PHE F 112 0.19 14.55 -2.60
CA PHE F 112 1.57 14.42 -3.06
C PHE F 112 2.30 15.73 -3.39
N CYS F 113 1.62 16.88 -3.44
CA CYS F 113 2.35 18.10 -3.74
C CYS F 113 1.79 19.28 -2.95
N ILE F 114 2.52 20.40 -3.02
CA ILE F 114 2.34 21.53 -2.13
C ILE F 114 2.03 22.81 -2.91
N GLN F 115 2.85 23.14 -3.90
CA GLN F 115 2.81 24.44 -4.54
C GLN F 115 2.18 24.37 -5.93
N VAL F 116 1.51 25.46 -6.31
CA VAL F 116 0.77 25.47 -7.58
C VAL F 116 1.71 25.33 -8.76
N GLY F 117 2.95 25.82 -8.65
CA GLY F 117 3.89 25.71 -9.75
C GLY F 117 4.45 24.32 -9.95
N ARG F 118 4.34 23.46 -8.94
CA ARG F 118 4.83 22.08 -8.99
C ARG F 118 3.71 21.16 -8.51
N ASN F 119 2.69 21.00 -9.35
CA ASN F 119 1.52 20.18 -9.01
C ASN F 119 1.51 18.84 -9.74
N ILE F 120 2.72 18.35 -10.09
CA ILE F 120 3.04 16.97 -10.51
C ILE F 120 2.19 16.41 -11.65
N ILE F 121 0.97 16.90 -11.84
CA ILE F 121 0.06 16.25 -12.75
C ILE F 121 -0.76 17.29 -13.49
N HIS F 122 -1.19 16.93 -14.70
CA HIS F 122 -2.09 17.71 -15.52
C HIS F 122 -3.25 16.85 -15.98
N GLY F 123 -4.43 17.43 -16.05
CA GLY F 123 -5.60 16.74 -16.58
C GLY F 123 -6.44 17.67 -17.42
N SER F 124 -7.07 17.10 -18.46
CA SER F 124 -7.91 17.88 -19.35
C SER F 124 -9.12 18.44 -18.60
N ASP F 125 -9.37 19.74 -18.77
CA ASP F 125 -10.48 20.39 -18.07
C ASP F 125 -11.82 20.21 -18.75
N SER F 126 -11.84 19.72 -20.00
CA SER F 126 -13.10 19.56 -20.71
C SER F 126 -12.91 18.55 -21.84
N VAL F 127 -14.04 18.04 -22.34
CA VAL F 127 -14.01 17.08 -23.43
C VAL F 127 -13.37 17.67 -24.68
N LYS F 128 -13.64 18.95 -24.96
CA LYS F 128 -13.08 19.57 -26.16
C LYS F 128 -11.57 19.76 -26.03
N SER F 129 -11.11 20.22 -24.87
CA SER F 129 -9.67 20.29 -24.64
C SER F 129 -9.05 18.90 -24.59
N ALA F 130 -9.81 17.89 -24.16
CA ALA F 130 -9.29 16.54 -24.07
C ALA F 130 -8.87 16.04 -25.44
N GLU F 131 -9.81 16.03 -26.41
CA GLU F 131 -9.50 15.56 -27.75
C GLU F 131 -8.47 16.45 -28.44
N LYS F 132 -8.41 17.73 -28.05
CA LYS F 132 -7.36 18.59 -28.55
C LYS F 132 -6.00 18.19 -28.00
N GLU F 133 -5.94 17.92 -26.70
CA GLU F 133 -4.67 17.51 -26.10
C GLU F 133 -4.28 16.10 -26.53
N ILE F 134 -5.26 15.20 -26.66
CA ILE F 134 -4.96 13.84 -27.10
C ILE F 134 -4.33 13.85 -28.48
N SER F 135 -4.98 14.53 -29.44
CA SER F 135 -4.45 14.57 -30.81
C SER F 135 -3.12 15.29 -30.87
N LEU F 136 -2.92 16.30 -30.01
CA LEU F 136 -1.66 17.02 -29.97
C LEU F 136 -0.51 16.11 -29.52
N TRP F 137 -0.75 15.27 -28.50
CA TRP F 137 0.32 14.46 -27.92
C TRP F 137 0.44 13.06 -28.53
N PHE F 138 -0.65 12.52 -29.07
CA PHE F 138 -0.65 11.15 -29.58
C PHE F 138 -1.08 11.12 -31.04
N GLN F 139 -0.48 10.23 -31.78
CA GLN F 139 -1.02 9.85 -33.07
C GLN F 139 -2.10 8.79 -32.88
N PRO F 140 -3.07 8.70 -33.81
CA PRO F 140 -4.14 7.70 -33.66
C PRO F 140 -3.62 6.27 -33.57
N GLU F 141 -2.46 5.97 -34.18
CA GLU F 141 -1.91 4.62 -34.13
C GLU F 141 -1.42 4.26 -32.73
N GLU F 142 -1.15 5.24 -31.88
CA GLU F 142 -0.64 4.98 -30.54
C GLU F 142 -1.74 4.69 -29.53
N LEU F 143 -3.00 4.87 -29.91
CA LEU F 143 -4.13 4.63 -29.01
C LEU F 143 -4.57 3.18 -29.18
N VAL F 144 -4.46 2.39 -28.12
CA VAL F 144 -4.70 0.97 -28.24
C VAL F 144 -6.16 0.67 -27.90
N GLU F 145 -6.73 -0.38 -28.51
CA GLU F 145 -8.11 -0.80 -28.29
C GLU F 145 -8.13 -2.22 -27.76
N TYR F 146 -8.86 -2.44 -26.66
CA TYR F 146 -9.00 -3.77 -26.07
C TYR F 146 -10.16 -3.78 -25.10
N LYS F 147 -10.92 -4.88 -25.10
CA LYS F 147 -12.01 -5.08 -24.15
C LYS F 147 -11.46 -5.77 -22.90
N SER F 148 -11.31 -5.01 -21.82
CA SER F 148 -10.88 -5.60 -20.59
C SER F 148 -11.99 -6.49 -20.03
N CYS F 149 -11.63 -7.32 -19.06
CA CYS F 149 -12.53 -8.36 -18.59
C CYS F 149 -13.56 -7.84 -17.61
N ALA F 150 -13.17 -6.93 -16.71
CA ALA F 150 -14.03 -6.50 -15.61
C ALA F 150 -15.04 -5.43 -16.01
N GLN F 151 -15.19 -5.13 -17.31
CA GLN F 151 -16.14 -4.10 -17.71
C GLN F 151 -17.57 -4.53 -17.43
N ASN F 152 -17.85 -5.84 -17.43
CA ASN F 152 -19.16 -6.31 -17.01
C ASN F 152 -19.43 -5.94 -15.55
N TRP F 153 -18.36 -5.78 -14.76
CA TRP F 153 -18.46 -5.36 -13.37
C TRP F 153 -18.13 -3.89 -13.17
N ILE F 154 -17.68 -3.20 -14.20
CA ILE F 154 -17.50 -1.75 -14.15
C ILE F 154 -18.74 -1.03 -14.67
N TYR F 155 -19.31 -1.53 -15.77
CA TYR F 155 -20.48 -0.95 -16.40
C TYR F 155 -21.56 -2.00 -16.59
N GLU F 156 -22.81 -1.56 -16.63
CA GLU F 156 -23.91 -2.44 -16.93
C GLU F 156 -23.93 -2.79 -18.42
PB ADP G . 1.78 -24.91 11.06
O1B ADP G . 2.92 -24.10 10.50
O2B ADP G . 1.28 -26.00 10.15
O3B ADP G . 0.67 -24.04 11.63
PA ADP G . 2.04 -26.99 13.12
O1A ADP G . 3.29 -27.75 13.45
O2A ADP G . 0.90 -27.69 12.42
O3A ADP G . 2.44 -25.60 12.37
O5' ADP G . 1.45 -26.37 14.47
C5' ADP G . 0.13 -25.86 14.44
C4' ADP G . 0.05 -24.62 15.33
O4' ADP G . 0.42 -24.96 16.67
C3' ADP G . 1.02 -23.52 14.91
O3' ADP G . 0.47 -22.61 13.96
C2' ADP G . 1.32 -22.81 16.21
O2' ADP G . 0.36 -21.74 16.41
C1' ADP G . 1.13 -23.87 17.28
N9 ADP G . 2.48 -24.32 17.64
C8 ADP G . 3.28 -25.09 16.87
N7 ADP G . 4.46 -25.32 17.48
C5 ADP G . 4.43 -24.69 18.67
C6 ADP G . 5.36 -24.53 19.81
N6 ADP G . 6.58 -25.11 19.77
N1 ADP G . 4.95 -23.79 20.86
C2 ADP G . 3.73 -23.21 20.88
N3 ADP G . 2.83 -23.31 19.88
C4 ADP G . 3.12 -24.03 18.77
PB ADP H . 25.97 -4.03 7.78
O1B ADP H . 25.62 -2.56 7.76
O2B ADP H . 25.12 -4.87 6.84
O3B ADP H . 26.09 -4.59 9.17
PA ADP H . 28.81 -3.62 7.87
O1A ADP H . 29.91 -4.61 7.54
O2A ADP H . 28.51 -3.31 9.32
O3A ADP H . 27.44 -4.07 7.11
O5' ADP H . 29.13 -2.22 7.15
C5' ADP H . 28.67 -1.03 7.77
C4' ADP H . 28.24 -0.04 6.69
O4' ADP H . 29.36 0.40 5.92
C3' ADP H . 27.30 -0.69 5.67
O3' ADP H . 25.93 -0.65 6.08
C2' ADP H . 27.55 0.13 4.41
O2' ADP H . 26.70 1.28 4.41
C1' ADP H . 28.99 0.59 4.55
N9 ADP H . 29.78 -0.26 3.64
C8 ADP H . 30.01 -1.58 3.80
N7 ADP H . 30.77 -2.08 2.79
C5 ADP H . 31.05 -1.05 1.97
C6 ADP H . 31.80 -0.87 0.71
N6 ADP H . 32.42 -1.95 0.15
N1 ADP H . 31.86 0.36 0.17
C2 ADP H . 31.24 1.41 0.74
N3 ADP H . 30.53 1.33 1.88
C4 ADP H . 30.40 0.15 2.53
PB ADP I . 11.21 -16.02 -18.39
O1B ADP I . 12.64 -15.74 -18.79
O2B ADP I . 11.00 -16.18 -16.90
O3B ADP I . 10.21 -15.10 -19.05
PA ADP I . 11.31 -18.02 -20.44
O1A ADP I . 12.09 -16.96 -21.18
O2A ADP I . 11.95 -19.38 -20.29
O3A ADP I . 10.81 -17.47 -19.01
O5' ADP I . 9.90 -18.18 -21.21
C5' ADP I . 9.31 -17.04 -21.84
C4' ADP I . 7.82 -16.98 -21.50
O4' ADP I . 7.11 -18.07 -22.09
C3' ADP I . 7.56 -17.09 -20.00
O3' ADP I . 7.58 -15.82 -19.34
C2' ADP I . 6.20 -17.75 -19.91
O2' ADP I . 5.18 -16.74 -19.85
C1' ADP I . 6.07 -18.53 -21.21
N9 ADP I . 6.26 -19.96 -20.88
C8 ADP I . 7.43 -20.54 -20.53
N7 ADP I . 7.27 -21.86 -20.28
C5 ADP I . 5.96 -22.15 -20.47
C6 ADP I . 5.10 -23.35 -20.36
N6 ADP I . 5.63 -24.55 -20.01
N1 ADP I . 3.79 -23.22 -20.63
C2 ADP I . 3.25 -22.03 -20.98
N3 ADP I . 3.96 -20.90 -21.09
C4 ADP I . 5.29 -20.89 -20.85
PB ADP J . -27.52 3.56 -1.76
O1B ADP J . -26.68 4.74 -1.33
O2B ADP J . -28.21 2.87 -0.61
O3B ADP J . -26.78 2.60 -2.66
PA ADP J . -30.14 3.55 -2.98
O1A ADP J . -31.11 4.63 -3.41
O2A ADP J . -30.56 2.67 -1.82
O3A ADP J . -28.67 4.17 -2.73
O5' ADP J . -29.88 2.58 -4.23
C5' ADP J . -29.69 1.18 -4.00
C4' ADP J . -28.94 0.55 -5.16
O4' ADP J . -29.69 0.70 -6.36
C3' ADP J . -27.59 1.22 -5.43
O3' ADP J . -26.54 0.61 -4.69
C2' ADP J . -27.41 1.08 -6.93
O2' ADP J . -26.57 -0.03 -7.27
C1' ADP J . -28.81 0.87 -7.48
N9 ADP J . -29.16 2.09 -8.24
C8 ADP J . -29.48 3.29 -7.70
N7 ADP J . -29.73 4.20 -8.67
C5 ADP J . -29.57 3.58 -9.86
C6 ADP J . -29.68 3.96 -11.29
N6 ADP J . -30.02 5.22 -11.65
N1 ADP J . -29.42 3.01 -12.21
C2 ADP J . -29.07 1.76 -11.87
N3 ADP J . -28.95 1.34 -10.59
C4 ADP J . -29.18 2.19 -9.56
PB ADP K . -4.92 23.21 -13.92
O1B ADP K . -3.63 22.56 -14.39
O2B ADP K . -5.33 22.84 -12.52
O3B ADP K . -6.04 23.14 -14.93
PA ADP K . -4.40 25.75 -15.11
O1A ADP K . -4.71 24.99 -16.38
O2A ADP K . -5.16 27.01 -14.80
O3A ADP K . -4.49 24.76 -13.82
O5' ADP K . -2.83 26.05 -15.12
C5' ADP K . -1.98 25.19 -15.87
C4' ADP K . -0.74 24.97 -15.04
O4' ADP K . -0.09 26.22 -14.80
C3' ADP K . -1.04 24.41 -13.66
O3' ADP K . -1.00 22.97 -13.65
C2' ADP K . 0.02 25.00 -12.77
O2' ADP K . 1.10 24.08 -12.62
C1' ADP K . 0.53 26.23 -13.51
N9 ADP K . 0.14 27.44 -12.76
C8 ADP K . -1.13 27.89 -12.57
N7 ADP K . -1.13 29.03 -11.83
C5 ADP K . 0.15 29.33 -11.53
C6 ADP K . 0.86 30.38 -10.77
N6 ADP K . 0.17 31.39 -10.18
N1 ADP K . 2.20 30.32 -10.70
C2 ADP K . 2.90 29.33 -11.28
N3 ADP K . 2.32 28.33 -11.98
C4 ADP K . 0.98 28.27 -12.14
#